data_8W6C
#
_entry.id   8W6C
#
_cell.length_a   1.00
_cell.length_b   1.00
_cell.length_c   1.00
_cell.angle_alpha   90.00
_cell.angle_beta   90.00
_cell.angle_gamma   90.00
#
_symmetry.space_group_name_H-M   'P 1'
#
loop_
_entity.id
_entity.type
_entity.pdbx_description
1 polymer 'Solute carrier family 13 member 2'
2 non-polymer 'SODIUM ION'
3 non-polymer 'CHOLESTEROL HEMISUCCINATE'
4 non-polymer 'CITRIC ACID'
5 non-polymer 1,2-DIACYL-GLYCEROL-3-SN-PHOSPHATE
6 water water
#
_entity_poly.entity_id   1
_entity_poly.type   'polypeptide(L)'
_entity_poly.pdbx_seq_one_letter_code
;MADYKDDDDKSGRMATCWQALWAYRSYLIVFFVPILLLPLPILVPSKEAYCAYAIILMALFWCTEALPLAVTALFPLILF
PMMGIVDASEVAVEYLKDSNLLFFGGLLVAIAVEHWNLHKRIALRVLLIVGVRPAPLILGFMLVTAFLSMWISNTATSAM
MVPIAHAVLDQLHSSQASSNVEEGSNNPTFELQEPSPQKEVTKLDNGQALPVTSASSEGRAHLSQKHLHLTQCMSLCVCY
SASIGGIATLTGTAPNLVLQGQINSLFPQNGNVVNFASWFSFAFPTMVILLLLAWLWLQILFLGFNFRKNFGIGEKMQEQ
QQAAYCVIQTEHRLLGPMTFAEKAISILFVILVLLWFTREPGFFLGWGNLAFPNAKGESMVSDGTVAIFIGIIMFIIPSK
FPGLTQDPENPGKLKAPLGLLDWKTVNQKMPWNIVLLLGGGYALAKGSERSGLSEWLGNKLTPLQSVPAPAIAIILSLLV
ATFTECTSNVATTTIFLPILASMAQAICLHPLYVMLPCTLATSLAFMLPVATPPNAIVFSFGDLKVLDMARAGFLLNIIG
VLVIALAINSWGIPLFSLHSFPSWAQSNTTAQCLPSLANTTTPSP
;
_entity_poly.pdbx_strand_id   A,B
#
loop_
_chem_comp.id
_chem_comp.type
_chem_comp.name
_chem_comp.formula
3PH non-polymer 1,2-DIACYL-GLYCEROL-3-SN-PHOSPHATE 'C39 H77 O8 P'
CIT non-polymer 'CITRIC ACID' 'C6 H8 O7'
NA non-polymer 'SODIUM ION' 'Na 1'
Y01 non-polymer 'CHOLESTEROL HEMISUCCINATE' 'C31 H50 O4'
#
# COMPACT_ATOMS: atom_id res chain seq x y z
N MET A 14 -45.89 -9.17 -17.87
CA MET A 14 -46.39 -9.42 -16.52
C MET A 14 -45.49 -8.78 -15.46
N ALA A 15 -45.81 -9.04 -14.19
CA ALA A 15 -45.14 -8.39 -13.08
C ALA A 15 -43.80 -9.03 -12.72
N THR A 16 -43.41 -10.12 -13.38
CA THR A 16 -42.16 -10.78 -13.04
C THR A 16 -40.93 -10.07 -13.59
N CYS A 17 -41.11 -9.06 -14.44
CA CYS A 17 -40.01 -8.21 -14.88
C CYS A 17 -39.63 -7.18 -13.84
N TRP A 18 -40.56 -6.78 -12.99
CA TRP A 18 -40.28 -5.76 -11.99
C TRP A 18 -39.41 -6.28 -10.85
N GLN A 19 -39.44 -7.58 -10.54
CA GLN A 19 -38.47 -8.12 -9.59
C GLN A 19 -37.11 -8.37 -10.22
N ALA A 20 -37.07 -8.67 -11.52
CA ALA A 20 -35.78 -8.79 -12.20
C ALA A 20 -35.10 -7.44 -12.34
N LEU A 21 -35.87 -6.37 -12.47
CA LEU A 21 -35.28 -5.03 -12.50
C LEU A 21 -34.85 -4.56 -11.13
N TRP A 22 -35.46 -5.07 -10.06
CA TRP A 22 -35.07 -4.70 -8.71
C TRP A 22 -33.92 -5.53 -8.17
N ALA A 23 -33.78 -6.77 -8.63
CA ALA A 23 -32.66 -7.60 -8.21
C ALA A 23 -31.35 -7.09 -8.81
N TYR A 24 -31.42 -6.53 -10.02
CA TYR A 24 -30.26 -6.04 -10.75
C TYR A 24 -29.98 -4.56 -10.49
N ARG A 25 -30.31 -4.05 -9.30
CA ARG A 25 -30.26 -2.62 -9.07
C ARG A 25 -28.85 -2.07 -8.96
N SER A 26 -27.89 -2.87 -8.48
CA SER A 26 -26.52 -2.39 -8.38
C SER A 26 -25.85 -2.27 -9.74
N TYR A 27 -26.13 -3.20 -10.65
CA TYR A 27 -25.64 -3.09 -12.01
C TYR A 27 -26.24 -1.88 -12.73
N LEU A 28 -27.52 -1.60 -12.49
CA LEU A 28 -28.15 -0.41 -13.03
C LEU A 28 -27.59 0.88 -12.46
N ILE A 29 -27.22 0.89 -11.18
CA ILE A 29 -26.58 2.06 -10.59
C ILE A 29 -25.20 2.30 -11.21
N VAL A 30 -24.39 1.25 -11.32
CA VAL A 30 -23.06 1.35 -11.91
C VAL A 30 -23.13 1.72 -13.39
N PHE A 31 -24.17 1.33 -14.10
CA PHE A 31 -24.27 1.75 -15.49
C PHE A 31 -24.82 3.16 -15.66
N PHE A 32 -25.80 3.57 -14.84
CA PHE A 32 -26.53 4.80 -15.13
C PHE A 32 -26.01 6.03 -14.39
N VAL A 33 -25.34 5.87 -13.25
CA VAL A 33 -24.81 7.03 -12.53
C VAL A 33 -23.67 7.72 -13.26
N PRO A 34 -22.67 7.03 -13.87
CA PRO A 34 -21.69 7.78 -14.69
C PRO A 34 -22.26 8.44 -15.93
N ILE A 35 -23.39 7.97 -16.46
CA ILE A 35 -23.98 8.60 -17.64
C ILE A 35 -24.78 9.83 -17.24
N LEU A 36 -25.47 9.78 -16.10
CA LEU A 36 -26.32 10.89 -15.69
C LEU A 36 -25.53 12.10 -15.21
N LEU A 37 -24.26 11.93 -14.83
CA LEU A 37 -23.43 13.04 -14.40
C LEU A 37 -22.51 13.56 -15.50
N LEU A 38 -22.57 12.99 -16.69
CA LEU A 38 -21.74 13.46 -17.81
C LEU A 38 -21.97 14.90 -18.28
N PRO A 39 -23.14 15.54 -18.12
CA PRO A 39 -23.21 16.99 -18.39
C PRO A 39 -22.25 17.87 -17.58
N LEU A 40 -21.78 17.43 -16.41
CA LEU A 40 -20.84 18.27 -15.65
C LEU A 40 -19.45 18.32 -16.30
N PRO A 41 -18.82 17.21 -16.74
CA PRO A 41 -17.59 17.39 -17.52
C PRO A 41 -17.81 17.76 -18.98
N ILE A 42 -18.98 17.52 -19.56
CA ILE A 42 -19.19 17.88 -20.96
C ILE A 42 -19.50 19.38 -21.11
N LEU A 43 -20.41 19.91 -20.31
CA LEU A 43 -20.80 21.31 -20.44
C LEU A 43 -19.79 22.26 -19.81
N VAL A 44 -19.08 21.82 -18.78
CA VAL A 44 -18.07 22.66 -18.13
C VAL A 44 -16.71 21.97 -18.28
N PRO A 45 -15.99 22.20 -19.38
CA PRO A 45 -14.67 21.57 -19.51
C PRO A 45 -13.61 22.27 -18.68
N SER A 46 -13.24 21.65 -17.56
CA SER A 46 -12.31 22.22 -16.59
C SER A 46 -11.85 21.11 -15.67
N LYS A 47 -10.66 21.27 -15.10
CA LYS A 47 -10.14 20.28 -14.17
C LYS A 47 -10.88 20.28 -12.83
N GLU A 48 -11.44 21.43 -12.43
CA GLU A 48 -12.28 21.47 -11.23
C GLU A 48 -13.56 20.68 -11.43
N ALA A 49 -14.19 20.78 -12.60
CA ALA A 49 -15.33 19.95 -12.92
C ALA A 49 -14.97 18.49 -13.07
N TYR A 50 -13.77 18.19 -13.59
CA TYR A 50 -13.33 16.81 -13.72
C TYR A 50 -13.05 16.18 -12.37
N CYS A 51 -12.66 16.97 -11.37
CA CYS A 51 -12.50 16.43 -10.03
C CYS A 51 -13.82 16.34 -9.28
N ALA A 52 -14.71 17.31 -9.50
CA ALA A 52 -16.03 17.26 -8.88
C ALA A 52 -16.84 16.07 -9.38
N TYR A 53 -16.68 15.70 -10.66
CA TYR A 53 -17.32 14.51 -11.20
C TYR A 53 -16.86 13.24 -10.48
N ALA A 54 -15.56 13.12 -10.24
CA ALA A 54 -15.01 11.96 -9.53
C ALA A 54 -15.45 11.91 -8.08
N ILE A 55 -15.53 13.06 -7.42
CA ILE A 55 -15.97 13.10 -6.02
C ILE A 55 -17.44 12.71 -5.90
N ILE A 56 -18.30 13.25 -6.75
CA ILE A 56 -19.73 12.92 -6.73
C ILE A 56 -19.94 11.45 -7.09
N LEU A 57 -19.16 10.93 -8.04
CA LEU A 57 -19.28 9.53 -8.45
C LEU A 57 -18.88 8.58 -7.34
N MET A 58 -17.78 8.86 -6.64
CA MET A 58 -17.35 7.98 -5.55
C MET A 58 -18.27 8.09 -4.34
N ALA A 59 -18.82 9.27 -4.05
CA ALA A 59 -19.80 9.38 -2.98
C ALA A 59 -21.09 8.63 -3.29
N LEU A 60 -21.56 8.71 -4.54
CA LEU A 60 -22.74 7.96 -4.94
C LEU A 60 -22.51 6.46 -4.97
N PHE A 61 -21.30 6.02 -5.32
CA PHE A 61 -21.02 4.59 -5.30
C PHE A 61 -20.78 4.06 -3.89
N TRP A 62 -20.40 4.92 -2.94
CA TRP A 62 -20.26 4.48 -1.56
C TRP A 62 -21.58 4.48 -0.81
N CYS A 63 -22.44 5.46 -1.04
CA CYS A 63 -23.70 5.52 -0.29
C CYS A 63 -24.69 4.44 -0.72
N THR A 64 -24.65 4.03 -1.99
CA THR A 64 -25.51 2.96 -2.45
C THR A 64 -24.89 1.59 -2.29
N GLU A 65 -23.56 1.52 -2.16
CA GLU A 65 -22.77 0.29 -2.07
C GLU A 65 -23.05 -0.64 -3.25
N ALA A 66 -23.03 -0.07 -4.46
CA ALA A 66 -23.20 -0.86 -5.66
C ALA A 66 -21.95 -1.66 -5.98
N LEU A 67 -20.79 -1.20 -5.51
CA LEU A 67 -19.51 -1.87 -5.59
C LEU A 67 -18.99 -2.06 -4.17
N PRO A 68 -18.01 -2.94 -3.95
CA PRO A 68 -17.33 -2.97 -2.65
C PRO A 68 -16.56 -1.68 -2.40
N LEU A 69 -16.26 -1.44 -1.12
CA LEU A 69 -15.64 -0.19 -0.69
C LEU A 69 -14.23 -0.03 -1.23
N ALA A 70 -13.43 -1.10 -1.17
CA ALA A 70 -12.08 -1.08 -1.71
C ALA A 70 -12.06 -1.00 -3.23
N VAL A 71 -13.14 -1.38 -3.91
CA VAL A 71 -13.18 -1.26 -5.37
C VAL A 71 -13.51 0.17 -5.77
N THR A 72 -14.42 0.82 -5.06
CA THR A 72 -14.69 2.23 -5.28
C THR A 72 -13.49 3.10 -4.90
N ALA A 73 -12.70 2.65 -3.91
CA ALA A 73 -11.49 3.37 -3.54
C ALA A 73 -10.37 3.27 -4.58
N LEU A 74 -10.49 2.41 -5.58
CA LEU A 74 -9.50 2.29 -6.65
C LEU A 74 -9.78 3.19 -7.83
N PHE A 75 -10.91 3.89 -7.83
CA PHE A 75 -11.33 4.78 -8.90
C PHE A 75 -10.47 6.01 -9.19
N PRO A 76 -9.78 6.66 -8.23
CA PRO A 76 -8.84 7.72 -8.63
C PRO A 76 -7.68 7.26 -9.50
N LEU A 77 -7.22 6.02 -9.32
CA LEU A 77 -6.11 5.47 -10.09
C LEU A 77 -6.40 5.39 -11.58
N ILE A 78 -7.66 5.21 -11.96
CA ILE A 78 -8.04 5.23 -13.36
C ILE A 78 -8.65 6.55 -13.77
N LEU A 79 -9.21 7.33 -12.84
CA LEU A 79 -9.91 8.54 -13.23
C LEU A 79 -8.96 9.71 -13.43
N PHE A 80 -8.03 9.93 -12.49
CA PHE A 80 -7.18 11.13 -12.54
C PHE A 80 -6.17 11.16 -13.69
N PRO A 81 -5.52 10.05 -14.11
CA PRO A 81 -4.74 10.13 -15.36
C PRO A 81 -5.57 10.21 -16.62
N MET A 82 -6.81 9.73 -16.62
CA MET A 82 -7.64 9.73 -17.82
C MET A 82 -8.42 11.02 -18.02
N MET A 83 -8.22 12.03 -17.19
CA MET A 83 -8.71 13.36 -17.52
C MET A 83 -7.65 14.44 -17.27
N GLY A 84 -6.40 14.05 -17.11
CA GLY A 84 -5.31 15.01 -17.07
C GLY A 84 -5.11 15.74 -15.77
N ILE A 85 -5.68 15.24 -14.68
CA ILE A 85 -5.51 15.90 -13.39
C ILE A 85 -4.09 15.68 -12.87
N VAL A 86 -3.64 14.43 -12.88
CA VAL A 86 -2.35 14.07 -12.32
C VAL A 86 -1.89 12.78 -13.02
N ASP A 87 -0.59 12.53 -12.99
CA ASP A 87 -0.02 11.35 -13.64
C ASP A 87 -0.35 10.09 -12.85
N ALA A 88 -0.19 8.94 -13.53
CA ALA A 88 -0.40 7.66 -12.87
C ALA A 88 0.66 7.39 -11.83
N SER A 89 1.90 7.82 -12.09
CA SER A 89 2.98 7.68 -11.13
C SER A 89 2.75 8.53 -9.88
N GLU A 90 2.13 9.70 -10.04
CA GLU A 90 1.89 10.56 -8.89
C GLU A 90 0.64 10.17 -8.11
N VAL A 91 -0.38 9.62 -8.78
CA VAL A 91 -1.54 9.14 -8.04
C VAL A 91 -1.25 7.81 -7.38
N ALA A 92 -0.26 7.06 -7.88
CA ALA A 92 0.07 5.77 -7.28
C ALA A 92 0.71 5.94 -5.92
N VAL A 93 1.63 6.89 -5.77
CA VAL A 93 2.17 7.16 -4.44
C VAL A 93 1.31 8.22 -3.76
N GLU A 94 0.10 7.81 -3.42
CA GLU A 94 -0.80 8.51 -2.52
C GLU A 94 -1.56 7.52 -1.66
N TYR A 95 -1.39 6.23 -1.87
CA TYR A 95 -2.27 5.20 -1.35
C TYR A 95 -1.75 4.56 -0.08
N LEU A 96 -0.56 4.93 0.38
CA LEU A 96 -0.02 4.31 1.58
C LEU A 96 0.86 5.35 2.26
N LYS A 97 0.28 6.07 3.21
CA LYS A 97 0.95 7.10 3.98
C LYS A 97 1.28 6.56 5.36
N ASP A 98 1.76 7.43 6.24
CA ASP A 98 2.10 7.01 7.59
C ASP A 98 0.87 6.73 8.43
N SER A 99 -0.24 7.42 8.14
CA SER A 99 -1.48 7.19 8.87
C SER A 99 -2.11 5.86 8.50
N ASN A 100 -1.77 5.32 7.34
CA ASN A 100 -2.25 4.02 6.91
C ASN A 100 -1.41 2.89 7.53
N LEU A 101 -0.09 3.10 7.63
CA LEU A 101 0.78 2.20 8.38
C LEU A 101 0.49 2.19 9.87
N LEU A 102 -0.01 3.31 10.42
CA LEU A 102 -0.44 3.33 11.81
C LEU A 102 -1.63 2.41 12.03
N PHE A 103 -2.58 2.41 11.10
CA PHE A 103 -3.72 1.49 11.17
C PHE A 103 -3.26 0.05 11.02
N PHE A 104 -2.30 -0.19 10.12
CA PHE A 104 -1.74 -1.54 9.94
C PHE A 104 -1.08 -2.05 11.22
N GLY A 105 -0.26 -1.23 11.88
CA GLY A 105 0.39 -1.65 13.11
C GLY A 105 -0.54 -1.82 14.30
N GLY A 106 -1.52 -0.92 14.44
CA GLY A 106 -2.52 -1.04 15.48
C GLY A 106 -3.39 -2.28 15.35
N LEU A 107 -3.87 -2.55 14.14
CA LEU A 107 -4.61 -3.78 13.91
C LEU A 107 -3.74 -5.02 13.97
N LEU A 108 -2.44 -4.88 13.73
CA LEU A 108 -1.51 -5.99 13.90
C LEU A 108 -1.35 -6.34 15.38
N VAL A 109 -1.43 -5.35 16.26
CA VAL A 109 -1.48 -5.62 17.69
C VAL A 109 -2.84 -6.20 18.11
N ALA A 110 -3.93 -5.69 17.54
CA ALA A 110 -5.27 -6.18 17.86
C ALA A 110 -5.51 -7.63 17.43
N ILE A 111 -4.88 -8.08 16.34
CA ILE A 111 -5.00 -9.47 15.92
C ILE A 111 -4.35 -10.39 16.96
N ALA A 112 -3.22 -9.99 17.52
CA ALA A 112 -2.58 -10.79 18.57
C ALA A 112 -3.37 -10.75 19.87
N VAL A 113 -4.07 -9.64 20.14
CA VAL A 113 -4.95 -9.60 21.32
C VAL A 113 -6.11 -10.57 21.14
N GLU A 114 -6.71 -10.61 19.96
CA GLU A 114 -7.84 -11.50 19.71
C GLU A 114 -7.44 -12.97 19.62
N HIS A 115 -6.23 -13.26 19.13
CA HIS A 115 -5.82 -14.64 18.87
C HIS A 115 -5.53 -15.41 20.16
N TRP A 116 -5.15 -14.72 21.23
CA TRP A 116 -4.76 -15.38 22.47
C TRP A 116 -5.77 -15.14 23.59
N ASN A 117 -7.00 -14.78 23.23
CA ASN A 117 -8.16 -14.67 24.13
C ASN A 117 -7.97 -13.62 25.23
N LEU A 118 -7.17 -12.59 24.96
CA LEU A 118 -7.09 -11.46 25.89
C LEU A 118 -8.25 -10.50 25.70
N HIS A 119 -8.83 -10.46 24.50
CA HIS A 119 -9.99 -9.62 24.23
C HIS A 119 -11.21 -10.05 25.03
N LYS A 120 -11.33 -11.34 25.32
CA LYS A 120 -12.40 -11.82 26.20
C LYS A 120 -12.20 -11.37 27.65
N ARG A 121 -10.96 -11.37 28.13
CA ARG A 121 -10.66 -10.85 29.47
C ARG A 121 -10.98 -9.38 29.59
N ILE A 122 -10.54 -8.58 28.61
CA ILE A 122 -10.78 -7.15 28.64
C ILE A 122 -12.28 -6.85 28.54
N ALA A 123 -12.99 -7.57 27.67
CA ALA A 123 -14.42 -7.36 27.50
C ALA A 123 -15.22 -7.76 28.74
N LEU A 124 -14.86 -8.88 29.38
CA LEU A 124 -15.57 -9.30 30.58
C LEU A 124 -15.28 -8.40 31.77
N ARG A 125 -14.05 -7.88 31.89
CA ARG A 125 -13.77 -6.95 32.99
C ARG A 125 -14.43 -5.59 32.78
N VAL A 126 -14.50 -5.13 31.52
CA VAL A 126 -15.23 -3.89 31.22
C VAL A 126 -16.72 -4.05 31.52
N LEU A 127 -17.31 -5.18 31.12
CA LEU A 127 -18.72 -5.41 31.42
C LEU A 127 -18.97 -5.69 32.89
N LEU A 128 -17.96 -6.13 33.64
CA LEU A 128 -18.12 -6.28 35.07
C LEU A 128 -18.03 -4.95 35.82
N ILE A 129 -17.27 -4.00 35.30
CA ILE A 129 -17.13 -2.70 35.96
C ILE A 129 -18.29 -1.76 35.65
N VAL A 130 -18.60 -1.56 34.37
CA VAL A 130 -19.62 -0.57 34.00
C VAL A 130 -21.02 -1.17 33.87
N GLY A 131 -21.16 -2.49 33.97
CA GLY A 131 -22.47 -3.10 33.95
C GLY A 131 -23.02 -3.28 32.54
N VAL A 132 -24.28 -3.72 32.50
CA VAL A 132 -24.96 -4.00 31.24
C VAL A 132 -26.18 -3.08 31.16
N ARG A 133 -25.97 -1.89 30.59
CA ARG A 133 -27.00 -0.91 30.32
C ARG A 133 -26.47 -0.23 29.07
N PRO A 134 -27.29 -0.06 28.03
CA PRO A 134 -26.77 0.39 26.73
C PRO A 134 -26.21 1.81 26.71
N ALA A 135 -27.00 2.78 27.15
CA ALA A 135 -26.61 4.18 27.10
C ALA A 135 -25.48 4.57 28.06
N PRO A 136 -25.40 4.10 29.33
CA PRO A 136 -24.19 4.36 30.11
C PRO A 136 -22.94 3.70 29.58
N LEU A 137 -23.04 2.53 28.95
CA LEU A 137 -21.88 1.88 28.34
C LEU A 137 -21.38 2.64 27.12
N ILE A 138 -22.31 3.13 26.29
CA ILE A 138 -21.95 3.96 25.14
C ILE A 138 -21.32 5.27 25.60
N LEU A 139 -21.86 5.87 26.67
CA LEU A 139 -21.30 7.11 27.21
C LEU A 139 -19.91 6.90 27.79
N GLY A 140 -19.66 5.77 28.45
CA GLY A 140 -18.33 5.48 28.97
C GLY A 140 -17.31 5.28 27.87
N PHE A 141 -17.69 4.57 26.81
CA PHE A 141 -16.80 4.44 25.65
C PHE A 141 -16.53 5.78 24.97
N MET A 142 -17.54 6.66 24.86
CA MET A 142 -17.36 7.99 24.28
C MET A 142 -16.42 8.85 25.11
N LEU A 143 -16.59 8.85 26.44
CA LEU A 143 -15.73 9.65 27.31
C LEU A 143 -14.29 9.17 27.29
N VAL A 144 -14.07 7.85 27.32
CA VAL A 144 -12.71 7.32 27.30
C VAL A 144 -12.04 7.58 25.95
N THR A 145 -12.79 7.44 24.84
CA THR A 145 -12.22 7.71 23.53
C THR A 145 -11.89 9.20 23.33
N ALA A 146 -12.74 10.10 23.84
CA ALA A 146 -12.46 11.52 23.75
C ALA A 146 -11.27 11.94 24.61
N PHE A 147 -11.17 11.40 25.83
CA PHE A 147 -10.03 11.73 26.69
C PHE A 147 -8.73 11.19 26.11
N LEU A 148 -8.76 10.00 25.51
CA LEU A 148 -7.57 9.48 24.85
C LEU A 148 -7.21 10.29 23.61
N SER A 149 -8.22 10.78 22.88
CA SER A 149 -7.97 11.55 21.68
C SER A 149 -7.52 12.98 21.99
N MET A 150 -7.66 13.46 23.23
CA MET A 150 -7.08 14.74 23.61
C MET A 150 -5.55 14.74 23.61
N TRP A 151 -4.90 13.58 23.74
CA TRP A 151 -3.46 13.53 23.94
C TRP A 151 -2.71 12.75 22.88
N ILE A 152 -3.34 11.81 22.19
CA ILE A 152 -2.66 11.10 21.10
C ILE A 152 -3.44 11.36 19.81
N SER A 153 -2.98 10.77 18.71
CA SER A 153 -3.60 10.96 17.41
C SER A 153 -4.98 10.32 17.37
N ASN A 154 -5.82 10.80 16.45
CA ASN A 154 -7.17 10.25 16.29
C ASN A 154 -7.13 8.87 15.67
N THR A 155 -6.20 8.65 14.74
CA THR A 155 -6.04 7.35 14.10
C THR A 155 -5.56 6.29 15.07
N ALA A 156 -4.63 6.65 15.97
CA ALA A 156 -4.16 5.73 16.99
C ALA A 156 -5.26 5.39 17.98
N THR A 157 -6.09 6.37 18.34
CA THR A 157 -7.20 6.16 19.25
C THR A 157 -8.25 5.24 18.65
N SER A 158 -8.57 5.44 17.37
CA SER A 158 -9.54 4.57 16.70
C SER A 158 -9.00 3.16 16.52
N ALA A 159 -7.73 3.03 16.10
CA ALA A 159 -7.14 1.71 15.90
C ALA A 159 -6.92 0.97 17.22
N MET A 160 -6.87 1.69 18.33
CA MET A 160 -6.86 1.04 19.64
C MET A 160 -8.26 0.68 20.13
N MET A 161 -9.26 1.53 19.85
CA MET A 161 -10.54 1.46 20.55
C MET A 161 -11.66 0.75 19.78
N VAL A 162 -11.58 0.63 18.46
CA VAL A 162 -12.59 -0.07 17.68
C VAL A 162 -12.62 -1.58 17.96
N PRO A 163 -11.49 -2.33 18.02
CA PRO A 163 -11.61 -3.75 18.36
C PRO A 163 -12.03 -4.02 19.80
N ILE A 164 -11.72 -3.13 20.74
CA ILE A 164 -12.14 -3.30 22.13
C ILE A 164 -13.66 -3.19 22.24
N ALA A 165 -14.26 -2.21 21.58
CA ALA A 165 -15.70 -2.07 21.54
C ALA A 165 -16.36 -3.22 20.80
N HIS A 166 -15.72 -3.74 19.74
CA HIS A 166 -16.23 -4.94 19.07
C HIS A 166 -16.26 -6.15 19.99
N ALA A 167 -15.20 -6.35 20.78
CA ALA A 167 -15.16 -7.47 21.71
C ALA A 167 -16.15 -7.35 22.85
N VAL A 168 -16.30 -6.15 23.42
CA VAL A 168 -17.28 -5.89 24.47
C VAL A 168 -18.69 -6.14 23.95
N LEU A 169 -18.95 -5.72 22.72
CA LEU A 169 -20.24 -5.91 22.08
C LEU A 169 -20.55 -7.39 21.79
N ASP A 170 -19.54 -8.16 21.37
CA ASP A 170 -19.70 -9.60 21.17
C ASP A 170 -20.02 -10.32 22.49
N GLN A 171 -19.32 -9.97 23.57
CA GLN A 171 -19.60 -10.60 24.86
C GLN A 171 -20.95 -10.20 25.42
N LEU A 172 -21.37 -8.96 25.20
CA LEU A 172 -22.70 -8.50 25.59
C LEU A 172 -23.80 -9.21 24.81
N HIS A 173 -23.56 -9.50 23.51
CA HIS A 173 -24.53 -10.28 22.75
C HIS A 173 -24.60 -11.72 23.27
N SER A 174 -23.45 -12.33 23.57
CA SER A 174 -23.46 -13.73 23.93
C SER A 174 -23.95 -13.95 25.36
N SER A 175 -23.96 -12.91 26.20
CA SER A 175 -24.51 -13.07 27.54
C SER A 175 -26.03 -13.01 27.59
N GLN A 176 -26.68 -12.50 26.55
CA GLN A 176 -28.13 -12.39 26.51
C GLN A 176 -28.78 -13.51 25.70
N ALA A 177 -28.13 -14.66 25.64
CA ALA A 177 -28.65 -15.82 24.92
C ALA A 177 -28.24 -17.11 25.62
N LYS A 226 -32.28 -5.76 17.29
CA LYS A 226 -32.14 -4.79 18.37
C LYS A 226 -30.66 -4.65 18.76
N HIS A 227 -29.94 -5.77 18.75
CA HIS A 227 -28.48 -5.72 18.91
C HIS A 227 -27.81 -5.16 17.67
N LEU A 228 -28.46 -5.26 16.51
CA LEU A 228 -27.90 -4.75 15.27
C LEU A 228 -27.96 -3.22 15.20
N HIS A 229 -28.74 -2.59 16.06
CA HIS A 229 -28.69 -1.13 16.22
C HIS A 229 -27.66 -0.70 17.25
N LEU A 230 -27.48 -1.51 18.30
CA LEU A 230 -26.42 -1.27 19.27
C LEU A 230 -25.03 -1.39 18.65
N THR A 231 -24.85 -2.31 17.70
CA THR A 231 -23.56 -2.42 17.04
C THR A 231 -23.27 -1.27 16.09
N GLN A 232 -24.29 -0.55 15.64
CA GLN A 232 -24.08 0.66 14.87
C GLN A 232 -23.83 1.86 15.77
N CYS A 233 -24.57 1.94 16.87
CA CYS A 233 -24.41 3.05 17.80
C CYS A 233 -23.03 3.06 18.46
N MET A 234 -22.52 1.89 18.86
CA MET A 234 -21.20 1.85 19.52
C MET A 234 -20.06 2.15 18.54
N SER A 235 -20.13 1.60 17.32
CA SER A 235 -19.13 1.89 16.30
C SER A 235 -19.09 3.36 15.92
N LEU A 236 -20.27 3.96 15.67
CA LEU A 236 -20.31 5.36 15.31
C LEU A 236 -19.97 6.27 16.48
N CYS A 237 -20.24 5.85 17.72
CA CYS A 237 -19.89 6.70 18.84
C CYS A 237 -18.40 6.72 19.10
N VAL A 238 -17.70 5.58 18.93
CA VAL A 238 -16.25 5.57 19.01
C VAL A 238 -15.63 6.39 17.89
N CYS A 239 -16.16 6.24 16.67
CA CYS A 239 -15.70 7.00 15.50
C CYS A 239 -15.84 8.49 15.69
N TYR A 240 -16.97 8.94 16.22
CA TYR A 240 -17.20 10.36 16.36
C TYR A 240 -16.50 10.93 17.59
N SER A 241 -16.30 10.12 18.63
CA SER A 241 -15.60 10.58 19.82
C SER A 241 -14.12 10.80 19.55
N ALA A 242 -13.51 9.97 18.70
CA ALA A 242 -12.11 10.18 18.32
C ALA A 242 -11.93 11.50 17.59
N SER A 243 -12.91 11.91 16.80
CA SER A 243 -12.81 13.18 16.07
C SER A 243 -13.17 14.37 16.95
N ILE A 244 -14.15 14.22 17.84
CA ILE A 244 -14.60 15.33 18.67
C ILE A 244 -13.55 15.65 19.74
N GLY A 245 -13.01 14.62 20.39
CA GLY A 245 -12.09 14.84 21.50
C GLY A 245 -10.76 15.46 21.12
N GLY A 246 -10.38 15.37 19.85
CA GLY A 246 -9.12 15.93 19.41
C GLY A 246 -9.08 17.43 19.27
N ILE A 247 -10.23 18.11 19.31
CA ILE A 247 -10.25 19.57 19.14
C ILE A 247 -9.98 20.32 20.42
N ALA A 248 -9.97 19.64 21.57
CA ALA A 248 -9.91 20.34 22.85
C ALA A 248 -8.51 20.85 23.18
N THR A 249 -7.47 20.22 22.66
CA THR A 249 -6.10 20.63 22.91
C THR A 249 -5.45 21.13 21.62
N LEU A 250 -4.41 21.94 21.79
CA LEU A 250 -3.69 22.50 20.65
C LEU A 250 -2.88 21.44 19.92
N THR A 251 -2.54 20.36 20.61
CA THR A 251 -1.79 19.25 20.04
C THR A 251 -2.66 18.04 19.74
N GLY A 252 -3.98 18.19 19.81
CA GLY A 252 -4.85 17.04 19.61
C GLY A 252 -5.06 16.70 18.15
N THR A 253 -5.33 17.69 17.33
CA THR A 253 -5.50 17.46 15.92
C THR A 253 -4.45 18.33 15.20
N ALA A 254 -4.08 17.94 13.99
CA ALA A 254 -3.04 18.65 13.24
C ALA A 254 -3.42 20.04 12.71
N PRO A 255 -4.65 20.32 12.22
CA PRO A 255 -4.99 21.72 11.87
C PRO A 255 -4.94 22.70 13.03
N ASN A 256 -5.09 22.24 14.28
CA ASN A 256 -4.91 23.11 15.44
C ASN A 256 -3.52 23.70 15.48
N LEU A 257 -2.51 22.94 15.05
CA LEU A 257 -1.17 23.49 14.95
C LEU A 257 -1.00 24.35 13.72
N VAL A 258 -1.71 24.01 12.63
CA VAL A 258 -1.61 24.76 11.38
C VAL A 258 -2.07 26.19 11.57
N LEU A 259 -3.16 26.37 12.33
CA LEU A 259 -3.64 27.70 12.68
C LEU A 259 -2.60 28.50 13.44
N GLN A 260 -1.90 27.86 14.38
CA GLN A 260 -0.87 28.57 15.14
C GLN A 260 0.32 28.93 14.25
N GLY A 261 0.61 28.08 13.26
CA GLY A 261 1.64 28.43 12.29
C GLY A 261 1.22 29.58 11.40
N GLN A 262 -0.06 29.65 11.06
CA GLN A 262 -0.52 30.73 10.18
C GLN A 262 -0.61 32.04 10.92
N ILE A 263 -1.10 32.01 12.16
CA ILE A 263 -1.17 33.21 12.99
C ILE A 263 0.23 33.76 13.27
N ASN A 264 1.21 32.86 13.43
CA ASN A 264 2.58 33.32 13.62
C ASN A 264 3.20 33.82 12.31
N SER A 265 2.76 33.32 11.15
CA SER A 265 3.42 33.75 9.92
C SER A 265 2.77 34.97 9.29
N LEU A 266 1.44 34.99 9.22
CA LEU A 266 0.73 36.09 8.58
C LEU A 266 0.74 37.33 9.45
N PHE A 267 0.63 37.17 10.77
CA PHE A 267 0.59 38.28 11.70
C PHE A 267 1.71 38.12 12.73
N PRO A 268 2.92 38.58 12.43
CA PRO A 268 3.90 38.79 13.50
C PRO A 268 3.50 40.00 14.34
N GLN A 269 4.26 40.20 15.42
CA GLN A 269 3.96 41.13 16.53
C GLN A 269 2.65 40.80 17.24
N ASN A 270 2.15 39.56 17.12
CA ASN A 270 0.89 39.20 17.75
C ASN A 270 1.03 38.83 19.21
N GLY A 271 2.24 38.48 19.66
CA GLY A 271 2.47 38.25 21.07
C GLY A 271 2.01 36.91 21.59
N ASN A 272 2.01 35.87 20.74
CA ASN A 272 1.59 34.51 21.06
C ASN A 272 0.15 34.47 21.60
N VAL A 273 -0.79 34.90 20.75
CA VAL A 273 -2.17 34.97 21.17
C VAL A 273 -2.82 33.59 21.20
N VAL A 274 -2.29 32.64 20.42
CA VAL A 274 -2.79 31.27 20.39
C VAL A 274 -1.72 30.38 21.01
N ASN A 275 -1.97 29.90 22.22
CA ASN A 275 -1.05 29.02 22.94
C ASN A 275 -1.87 27.89 23.53
N PHE A 276 -1.27 27.11 24.43
CA PHE A 276 -1.93 25.94 25.00
C PHE A 276 -3.07 26.31 25.94
N ALA A 277 -2.86 27.32 26.78
CA ALA A 277 -3.84 27.66 27.81
C ALA A 277 -5.08 28.32 27.22
N SER A 278 -4.91 29.27 26.31
CA SER A 278 -6.05 29.94 25.71
C SER A 278 -6.82 29.04 24.75
N TRP A 279 -6.13 28.17 24.00
CA TRP A 279 -6.84 27.19 23.18
C TRP A 279 -7.61 26.20 24.03
N PHE A 280 -7.04 25.77 25.17
CA PHE A 280 -7.78 24.87 26.05
C PHE A 280 -9.00 25.56 26.64
N SER A 281 -8.84 26.79 27.14
CA SER A 281 -9.94 27.56 27.71
C SER A 281 -11.03 27.88 26.70
N PHE A 282 -10.70 27.96 25.41
CA PHE A 282 -11.70 28.17 24.38
C PHE A 282 -12.35 26.86 23.92
N ALA A 283 -11.59 25.79 23.71
CA ALA A 283 -12.08 24.63 22.99
C ALA A 283 -12.46 23.44 23.86
N PHE A 284 -12.21 23.48 25.18
CA PHE A 284 -12.68 22.38 26.02
C PHE A 284 -14.20 22.39 26.27
N PRO A 285 -14.86 23.52 26.60
CA PRO A 285 -16.33 23.43 26.74
C PRO A 285 -17.05 23.16 25.44
N THR A 286 -16.51 23.63 24.31
CA THR A 286 -17.01 23.27 22.99
C THR A 286 -17.00 21.75 22.78
N MET A 287 -15.89 21.11 23.16
CA MET A 287 -15.77 19.65 23.05
C MET A 287 -16.75 18.93 23.96
N VAL A 288 -16.94 19.42 25.19
CA VAL A 288 -17.84 18.76 26.14
C VAL A 288 -19.28 18.86 25.69
N ILE A 289 -19.71 20.05 25.25
CA ILE A 289 -21.07 20.26 24.79
C ILE A 289 -21.35 19.46 23.52
N LEU A 290 -20.40 19.45 22.58
CA LEU A 290 -20.56 18.69 21.35
C LEU A 290 -20.58 17.19 21.60
N LEU A 291 -19.78 16.70 22.55
CA LEU A 291 -19.78 15.28 22.88
C LEU A 291 -21.08 14.83 23.54
N LEU A 292 -21.62 15.63 24.45
CA LEU A 292 -22.90 15.29 25.07
C LEU A 292 -24.06 15.34 24.07
N LEU A 293 -24.07 16.32 23.17
CA LEU A 293 -25.10 16.37 22.14
C LEU A 293 -24.97 15.24 21.13
N ALA A 294 -23.75 14.83 20.80
CA ALA A 294 -23.56 13.67 19.93
C ALA A 294 -24.02 12.38 20.59
N TRP A 295 -23.78 12.24 21.90
CA TRP A 295 -24.29 11.08 22.64
C TRP A 295 -25.80 11.03 22.63
N LEU A 296 -26.46 12.18 22.89
CA LEU A 296 -27.92 12.22 22.88
C LEU A 296 -28.49 11.96 21.49
N TRP A 297 -27.87 12.47 20.43
CA TRP A 297 -28.38 12.27 19.08
C TRP A 297 -28.19 10.83 18.62
N LEU A 298 -27.05 10.21 18.92
CA LEU A 298 -26.85 8.81 18.56
C LEU A 298 -27.72 7.89 19.38
N GLN A 299 -28.03 8.27 20.63
CA GLN A 299 -28.96 7.50 21.44
C GLN A 299 -30.39 7.62 20.92
N ILE A 300 -30.78 8.78 20.41
CA ILE A 300 -32.12 8.95 19.87
C ILE A 300 -32.25 8.22 18.53
N LEU A 301 -31.23 8.29 17.68
CA LEU A 301 -31.36 7.82 16.30
C LEU A 301 -31.39 6.30 16.19
N PHE A 302 -30.49 5.60 16.89
CA PHE A 302 -30.38 4.15 16.75
C PHE A 302 -31.17 3.40 17.81
N LEU A 303 -31.20 3.89 19.03
CA LEU A 303 -32.04 3.35 20.09
C LEU A 303 -33.38 4.10 20.03
N GLY A 304 -34.22 3.97 21.04
CA GLY A 304 -35.54 4.58 20.98
C GLY A 304 -35.59 5.98 21.56
N PHE A 305 -36.81 6.52 21.58
CA PHE A 305 -37.13 7.73 22.32
C PHE A 305 -37.54 7.44 23.76
N ASN A 306 -37.29 6.22 24.24
CA ASN A 306 -37.89 5.76 25.49
C ASN A 306 -37.21 6.36 26.71
N PHE A 307 -35.88 6.29 26.75
CA PHE A 307 -34.97 6.79 27.80
C PHE A 307 -35.11 6.06 29.14
N ARG A 308 -36.01 5.09 29.26
CA ARG A 308 -36.03 4.17 30.38
C ARG A 308 -35.64 2.75 29.98
N LYS A 309 -36.01 2.34 28.76
CA LYS A 309 -35.43 1.15 28.17
C LYS A 309 -33.96 1.36 27.83
N ASN A 310 -33.59 2.59 27.46
CA ASN A 310 -32.20 2.90 27.12
C ASN A 310 -31.30 2.88 28.35
N PHE A 311 -31.85 3.21 29.52
CA PHE A 311 -31.10 3.24 30.76
C PHE A 311 -31.41 2.05 31.66
N GLY A 312 -32.29 1.14 31.22
CA GLY A 312 -32.61 -0.05 31.97
C GLY A 312 -33.34 0.20 33.29
N ILE A 313 -34.33 1.09 33.26
CA ILE A 313 -35.08 1.48 34.45
C ILE A 313 -36.43 0.80 34.41
N GLY A 314 -36.79 0.14 35.51
CA GLY A 314 -38.05 -0.54 35.63
C GLY A 314 -37.89 -2.05 35.56
N GLU A 315 -38.85 -2.75 36.16
CA GLU A 315 -38.86 -4.20 36.10
C GLU A 315 -39.33 -4.66 34.72
N LYS A 316 -39.05 -5.95 34.45
CA LYS A 316 -39.06 -6.71 33.19
C LYS A 316 -37.80 -6.36 32.39
N MET A 317 -37.02 -5.40 32.90
CA MET A 317 -35.73 -4.98 32.37
C MET A 317 -34.60 -5.24 33.34
N GLN A 318 -34.85 -5.07 34.65
CA GLN A 318 -33.86 -5.42 35.65
C GLN A 318 -33.63 -6.92 35.75
N GLU A 319 -34.65 -7.72 35.44
CA GLU A 319 -34.52 -9.17 35.55
C GLU A 319 -33.56 -9.72 34.51
N GLN A 320 -33.76 -9.34 33.24
CA GLN A 320 -32.83 -9.73 32.17
C GLN A 320 -31.44 -9.15 32.37
N GLN A 321 -31.32 -7.96 32.96
CA GLN A 321 -30.02 -7.37 33.20
C GLN A 321 -29.27 -8.05 34.33
N GLN A 322 -29.94 -8.43 35.41
CA GLN A 322 -29.27 -9.22 36.45
C GLN A 322 -28.94 -10.64 35.99
N ALA A 323 -29.77 -11.22 35.11
CA ALA A 323 -29.43 -12.52 34.53
C ALA A 323 -28.20 -12.42 33.63
N ALA A 324 -28.13 -11.38 32.79
CA ALA A 324 -26.95 -11.19 31.94
C ALA A 324 -25.72 -10.88 32.78
N TYR A 325 -25.87 -10.15 33.88
CA TYR A 325 -24.74 -9.85 34.75
C TYR A 325 -24.21 -11.07 35.47
N CYS A 326 -25.08 -11.97 35.93
CA CYS A 326 -24.56 -13.19 36.56
C CYS A 326 -24.00 -14.17 35.53
N VAL A 327 -24.52 -14.17 34.30
CA VAL A 327 -23.90 -14.98 33.24
C VAL A 327 -22.49 -14.47 32.93
N ILE A 328 -22.32 -13.14 32.85
CA ILE A 328 -21.00 -12.53 32.67
C ILE A 328 -20.07 -12.85 33.84
N GLN A 329 -20.60 -12.84 35.07
CA GLN A 329 -19.81 -13.18 36.25
C GLN A 329 -19.28 -14.62 36.18
N THR A 330 -20.14 -15.56 35.81
CA THR A 330 -19.69 -16.95 35.75
C THR A 330 -18.73 -17.21 34.60
N GLU A 331 -19.00 -16.64 33.41
CA GLU A 331 -18.07 -16.92 32.32
C GLU A 331 -16.79 -16.11 32.42
N HIS A 332 -16.75 -15.10 33.30
CA HIS A 332 -15.47 -14.48 33.64
C HIS A 332 -14.74 -15.28 34.70
N ARG A 333 -15.46 -15.88 35.65
CA ARG A 333 -14.84 -16.72 36.67
C ARG A 333 -14.25 -18.00 36.09
N LEU A 334 -14.79 -18.50 34.98
CA LEU A 334 -14.29 -19.73 34.38
C LEU A 334 -13.22 -19.47 33.30
N LEU A 335 -12.39 -18.45 33.47
CA LEU A 335 -11.28 -18.18 32.57
C LEU A 335 -9.94 -18.64 33.10
N GLY A 336 -9.71 -18.54 34.41
CA GLY A 336 -8.48 -19.01 35.01
C GLY A 336 -7.38 -17.99 35.03
N PRO A 337 -6.15 -18.42 35.32
CA PRO A 337 -5.02 -17.49 35.32
C PRO A 337 -4.58 -17.15 33.90
N MET A 338 -3.85 -16.04 33.81
CA MET A 338 -3.35 -15.60 32.51
C MET A 338 -2.21 -16.50 32.05
N THR A 339 -2.19 -16.79 30.75
CA THR A 339 -1.10 -17.55 30.18
C THR A 339 0.10 -16.63 29.92
N PHE A 340 1.18 -17.21 29.39
CA PHE A 340 2.38 -16.44 29.10
C PHE A 340 2.13 -15.44 27.98
N ALA A 341 1.39 -15.87 26.95
CA ALA A 341 1.11 -15.01 25.80
C ALA A 341 0.23 -13.82 26.18
N GLU A 342 -0.74 -14.03 27.07
CA GLU A 342 -1.59 -12.94 27.51
C GLU A 342 -0.82 -11.90 28.32
N LYS A 343 0.09 -12.33 29.19
CA LYS A 343 0.92 -11.42 29.95
C LYS A 343 1.86 -10.63 29.06
N ALA A 344 2.49 -11.30 28.09
CA ALA A 344 3.39 -10.63 27.16
C ALA A 344 2.67 -9.61 26.30
N ILE A 345 1.49 -9.96 25.78
CA ILE A 345 0.73 -9.05 24.93
C ILE A 345 0.16 -7.88 25.75
N SER A 346 -0.20 -8.11 27.01
CA SER A 346 -0.68 -7.02 27.85
C SER A 346 0.43 -6.02 28.19
N ILE A 347 1.63 -6.52 28.48
CA ILE A 347 2.78 -5.64 28.72
C ILE A 347 3.13 -4.85 27.46
N LEU A 348 3.10 -5.50 26.29
CA LEU A 348 3.40 -4.78 25.05
C LEU A 348 2.34 -3.75 24.68
N PHE A 349 1.07 -4.01 25.03
CA PHE A 349 0.00 -3.04 24.78
C PHE A 349 0.16 -1.81 25.65
N VAL A 350 0.47 -2.01 26.94
CA VAL A 350 0.71 -0.90 27.86
C VAL A 350 1.92 -0.08 27.41
N ILE A 351 2.99 -0.76 26.98
CA ILE A 351 4.20 -0.08 26.51
C ILE A 351 3.91 0.73 25.25
N LEU A 352 3.08 0.20 24.35
CA LEU A 352 2.73 0.91 23.11
C LEU A 352 1.94 2.19 23.41
N VAL A 353 0.96 2.12 24.32
CA VAL A 353 0.19 3.32 24.64
C VAL A 353 1.03 4.36 25.38
N LEU A 354 1.93 3.92 26.27
CA LEU A 354 2.82 4.86 26.95
C LEU A 354 3.85 5.49 26.01
N LEU A 355 4.29 4.76 24.98
CA LEU A 355 5.18 5.36 23.99
C LEU A 355 4.42 6.31 23.08
N TRP A 356 3.13 6.05 22.84
CA TRP A 356 2.32 6.99 22.08
C TRP A 356 2.08 8.28 22.85
N PHE A 357 1.97 8.21 24.19
CA PHE A 357 1.71 9.42 24.97
C PHE A 357 2.89 10.38 24.96
N THR A 358 4.11 9.88 25.14
CA THR A 358 5.25 10.72 25.45
C THR A 358 6.17 10.98 24.27
N ARG A 359 5.73 10.69 23.04
CA ARG A 359 6.63 10.82 21.89
C ARG A 359 6.83 12.28 21.51
N GLU A 360 5.74 13.03 21.38
CA GLU A 360 5.80 14.44 20.99
C GLU A 360 4.58 15.14 21.59
N PRO A 361 4.63 15.47 22.88
CA PRO A 361 3.42 15.96 23.56
C PRO A 361 3.09 17.41 23.24
N GLY A 362 4.10 18.22 23.00
CA GLY A 362 3.89 19.61 22.64
C GLY A 362 4.03 20.57 23.78
N PHE A 363 3.48 20.22 24.95
CA PHE A 363 3.61 21.06 26.13
C PHE A 363 4.79 20.68 27.01
N PHE A 364 5.47 19.58 26.73
CA PHE A 364 6.82 19.35 27.21
C PHE A 364 7.58 18.60 26.12
N LEU A 365 8.84 18.28 26.40
CA LEU A 365 9.76 17.77 25.39
C LEU A 365 9.79 16.25 25.49
N GLY A 366 9.39 15.57 24.42
CA GLY A 366 9.25 14.13 24.43
C GLY A 366 10.52 13.40 24.01
N TRP A 367 10.42 12.07 23.98
CA TRP A 367 11.57 11.29 23.55
C TRP A 367 11.80 11.37 22.05
N GLY A 368 10.79 11.78 21.27
CA GLY A 368 10.99 11.98 19.85
C GLY A 368 11.73 13.26 19.52
N ASN A 369 11.76 14.21 20.45
CA ASN A 369 12.55 15.42 20.26
C ASN A 369 13.94 15.31 20.87
N LEU A 370 14.09 14.54 21.94
CA LEU A 370 15.40 14.34 22.54
C LEU A 370 16.26 13.42 21.68
N ALA A 371 15.80 12.18 21.51
CA ALA A 371 16.39 11.29 20.53
C ALA A 371 15.66 11.47 19.21
N PHE A 372 16.41 11.37 18.12
CA PHE A 372 15.93 11.54 16.74
C PHE A 372 15.19 12.86 16.45
N PRO A 373 15.88 14.03 16.53
CA PRO A 373 15.26 15.23 15.96
C PRO A 373 15.73 15.53 14.54
N ASN A 374 14.97 16.32 13.79
CA ASN A 374 15.44 16.83 12.50
C ASN A 374 16.09 18.21 12.72
N ALA A 375 16.31 18.93 11.61
CA ALA A 375 16.94 20.24 11.71
C ALA A 375 16.03 21.28 12.37
N LYS A 376 14.71 21.11 12.26
CA LYS A 376 13.77 22.00 12.91
C LYS A 376 13.42 21.58 14.34
N GLY A 377 13.99 20.47 14.82
CA GLY A 377 13.74 20.01 16.16
C GLY A 377 12.55 19.07 16.32
N GLU A 378 11.77 18.86 15.26
CA GLU A 378 10.64 17.95 15.31
C GLU A 378 11.13 16.50 15.29
N SER A 379 10.22 15.58 15.60
CA SER A 379 10.57 14.16 15.65
C SER A 379 10.56 13.56 14.25
N MET A 380 11.60 12.78 13.94
CA MET A 380 11.61 12.01 12.70
C MET A 380 10.86 10.69 12.83
N VAL A 381 10.48 10.31 14.04
CA VAL A 381 9.76 9.08 14.33
C VAL A 381 8.32 9.45 14.65
N SER A 382 7.36 8.74 14.04
CA SER A 382 5.95 9.01 14.22
C SER A 382 5.28 7.91 15.04
N ASP A 383 3.96 8.00 15.18
CA ASP A 383 3.20 7.00 15.92
C ASP A 383 3.13 5.68 15.16
N GLY A 384 3.03 5.73 13.83
CA GLY A 384 3.09 4.54 13.01
C GLY A 384 4.39 3.79 13.10
N THR A 385 5.50 4.50 13.33
CA THR A 385 6.78 3.83 13.56
C THR A 385 6.75 2.99 14.83
N VAL A 386 6.16 3.53 15.90
CA VAL A 386 6.04 2.81 17.16
C VAL A 386 5.11 1.61 17.01
N ALA A 387 4.02 1.77 16.25
CA ALA A 387 3.09 0.68 16.01
C ALA A 387 3.73 -0.47 15.22
N ILE A 388 4.45 -0.12 14.15
CA ILE A 388 5.15 -1.12 13.35
C ILE A 388 6.27 -1.79 14.15
N PHE A 389 6.91 -1.04 15.04
CA PHE A 389 7.96 -1.58 15.91
C PHE A 389 7.40 -2.63 16.88
N ILE A 390 6.29 -2.33 17.54
CA ILE A 390 5.67 -3.29 18.46
C ILE A 390 5.12 -4.49 17.70
N GLY A 391 4.53 -4.27 16.52
CA GLY A 391 4.05 -5.37 15.71
C GLY A 391 5.15 -6.27 15.16
N ILE A 392 6.33 -5.71 14.92
CA ILE A 392 7.47 -6.54 14.50
C ILE A 392 8.00 -7.35 15.68
N ILE A 393 8.05 -6.75 16.88
CA ILE A 393 8.46 -7.46 18.09
C ILE A 393 7.52 -8.61 18.42
N MET A 394 6.23 -8.49 18.09
CA MET A 394 5.28 -9.57 18.31
C MET A 394 5.56 -10.82 17.47
N PHE A 395 6.31 -10.71 16.38
CA PHE A 395 6.71 -11.88 15.60
C PHE A 395 7.92 -12.60 16.18
N ILE A 396 8.61 -12.00 17.15
CA ILE A 396 9.90 -12.49 17.63
C ILE A 396 9.74 -13.16 18.98
N ILE A 397 8.79 -12.70 19.79
CA ILE A 397 8.62 -13.26 21.12
C ILE A 397 7.87 -14.60 21.02
N PRO A 398 8.35 -15.67 21.65
CA PRO A 398 7.64 -16.95 21.58
C PRO A 398 6.35 -16.91 22.39
N SER A 399 5.42 -17.78 21.99
CA SER A 399 4.14 -17.84 22.68
C SER A 399 4.18 -18.68 23.95
N LYS A 400 5.07 -19.68 23.99
CA LYS A 400 5.44 -20.36 25.22
C LYS A 400 6.96 -20.35 25.27
N PHE A 401 7.52 -20.20 26.47
CA PHE A 401 8.99 -20.22 26.50
C PHE A 401 9.57 -21.64 26.42
N PRO A 402 9.20 -22.63 27.31
CA PRO A 402 9.84 -23.94 27.16
C PRO A 402 9.11 -24.87 26.21
N GLY A 403 8.24 -24.32 25.36
CA GLY A 403 7.34 -25.12 24.57
C GLY A 403 7.97 -25.88 23.41
N LEU A 404 8.80 -26.87 23.73
CA LEU A 404 9.47 -27.69 22.72
C LEU A 404 8.62 -28.93 22.47
N THR A 405 7.87 -28.93 21.39
CA THR A 405 7.02 -30.05 21.01
C THR A 405 7.73 -30.94 20.00
N GLN A 406 7.00 -31.89 19.42
CA GLN A 406 7.52 -32.78 18.40
C GLN A 406 6.70 -32.61 17.13
N ASP A 407 7.39 -32.53 16.01
CA ASP A 407 6.78 -32.25 14.72
C ASP A 407 6.22 -33.51 14.07
N PRO A 408 5.19 -33.38 13.22
CA PRO A 408 4.69 -34.57 12.50
C PRO A 408 5.66 -35.10 11.45
N GLU A 409 6.65 -34.30 11.05
CA GLU A 409 7.81 -34.76 10.28
C GLU A 409 8.86 -35.37 11.22
N ASN A 410 10.12 -35.44 10.75
CA ASN A 410 11.27 -36.25 11.17
C ASN A 410 11.35 -36.52 12.67
N PRO A 411 11.42 -37.80 13.09
CA PRO A 411 11.35 -38.18 14.51
C PRO A 411 12.69 -38.11 15.24
N GLY A 412 13.42 -37.01 15.04
CA GLY A 412 14.64 -36.75 15.77
C GLY A 412 14.76 -35.27 16.03
N LYS A 413 13.65 -34.56 15.84
CA LYS A 413 13.59 -33.11 15.92
C LYS A 413 12.76 -32.70 17.13
N LEU A 414 13.15 -31.59 17.74
CA LEU A 414 12.24 -30.84 18.60
C LEU A 414 11.55 -29.79 17.75
N LYS A 415 10.82 -28.87 18.38
CA LYS A 415 10.11 -27.85 17.62
C LYS A 415 9.97 -26.59 18.46
N ALA A 416 10.41 -25.47 17.90
CA ALA A 416 10.21 -24.20 18.55
C ALA A 416 8.73 -23.79 18.45
N PRO A 417 8.22 -23.04 19.44
CA PRO A 417 6.85 -22.56 19.33
C PRO A 417 6.73 -21.47 18.27
N LEU A 418 5.48 -21.21 17.90
CA LEU A 418 5.23 -20.06 17.06
C LEU A 418 5.33 -18.78 17.90
N GLY A 419 5.43 -17.64 17.22
CA GLY A 419 5.43 -16.37 17.90
C GLY A 419 4.05 -15.98 18.36
N LEU A 420 3.97 -14.78 18.93
CA LEU A 420 2.67 -14.19 19.24
C LEU A 420 1.90 -13.83 17.97
N LEU A 421 2.60 -13.65 16.86
CA LEU A 421 1.99 -13.51 15.55
C LEU A 421 2.73 -14.42 14.58
N ASP A 422 1.98 -15.13 13.75
CA ASP A 422 2.50 -15.70 12.52
C ASP A 422 1.81 -15.03 11.35
N TRP A 423 2.33 -15.27 10.14
CA TRP A 423 1.82 -14.53 8.99
C TRP A 423 0.45 -15.02 8.55
N LYS A 424 0.13 -16.30 8.71
CA LYS A 424 -1.16 -16.81 8.23
C LYS A 424 -2.34 -16.31 9.06
N THR A 425 -2.15 -16.07 10.37
CA THR A 425 -3.20 -15.42 11.16
C THR A 425 -3.41 -13.98 10.70
N VAL A 426 -2.31 -13.28 10.42
CA VAL A 426 -2.38 -11.89 9.97
C VAL A 426 -3.07 -11.79 8.62
N ASN A 427 -2.74 -12.69 7.69
CA ASN A 427 -3.39 -12.72 6.39
C ASN A 427 -4.86 -13.08 6.48
N GLN A 428 -5.23 -13.94 7.43
CA GLN A 428 -6.65 -14.24 7.60
C GLN A 428 -7.42 -13.11 8.26
N LYS A 429 -6.76 -12.28 9.08
CA LYS A 429 -7.48 -11.36 9.94
C LYS A 429 -7.32 -9.89 9.58
N MET A 430 -6.41 -9.53 8.71
CA MET A 430 -6.18 -8.11 8.42
C MET A 430 -7.27 -7.57 7.49
N PRO A 431 -7.85 -6.40 7.80
CA PRO A 431 -8.76 -5.76 6.84
C PRO A 431 -8.01 -4.96 5.78
N TRP A 432 -7.61 -5.63 4.69
CA TRP A 432 -6.87 -4.97 3.62
C TRP A 432 -7.74 -3.98 2.83
N ASN A 433 -9.05 -4.19 2.82
CA ASN A 433 -9.97 -3.25 2.20
C ASN A 433 -10.00 -1.90 2.90
N ILE A 434 -9.71 -1.87 4.20
CA ILE A 434 -9.66 -0.59 4.91
C ILE A 434 -8.36 0.15 4.60
N VAL A 435 -7.26 -0.58 4.37
CA VAL A 435 -6.02 0.01 3.87
C VAL A 435 -6.24 0.65 2.51
N LEU A 436 -6.92 -0.07 1.61
CA LEU A 436 -7.22 0.48 0.29
C LEU A 436 -8.21 1.65 0.35
N LEU A 437 -9.16 1.61 1.29
CA LEU A 437 -10.12 2.69 1.45
C LEU A 437 -9.45 3.97 1.95
N LEU A 438 -8.55 3.85 2.93
CA LEU A 438 -7.77 4.98 3.41
C LEU A 438 -6.90 5.56 2.30
N GLY A 439 -6.26 4.69 1.51
CA GLY A 439 -5.46 5.17 0.40
C GLY A 439 -6.23 5.88 -0.69
N GLY A 440 -7.40 5.35 -1.05
CA GLY A 440 -8.27 6.03 -2.00
C GLY A 440 -8.78 7.37 -1.52
N GLY A 441 -9.04 7.49 -0.20
CA GLY A 441 -9.34 8.79 0.37
C GLY A 441 -8.21 9.79 0.27
N TYR A 442 -6.98 9.35 0.56
CA TYR A 442 -5.82 10.25 0.41
C TYR A 442 -5.61 10.67 -1.04
N ALA A 443 -5.83 9.75 -1.99
CA ALA A 443 -5.68 10.09 -3.40
C ALA A 443 -6.73 11.06 -3.89
N LEU A 444 -7.99 10.89 -3.46
CA LEU A 444 -9.03 11.85 -3.81
C LEU A 444 -8.76 13.22 -3.21
N ALA A 445 -8.26 13.27 -1.97
CA ALA A 445 -7.88 14.54 -1.34
C ALA A 445 -6.70 15.20 -2.05
N LYS A 446 -5.75 14.41 -2.56
CA LYS A 446 -4.63 15.00 -3.31
C LYS A 446 -5.07 15.51 -4.67
N GLY A 447 -5.95 14.79 -5.35
CA GLY A 447 -6.49 15.25 -6.61
C GLY A 447 -7.31 16.51 -6.50
N SER A 448 -8.01 16.70 -5.37
CA SER A 448 -8.75 17.95 -5.15
C SER A 448 -7.84 19.17 -5.01
N GLU A 449 -6.62 19.00 -4.50
CA GLU A 449 -5.66 20.11 -4.47
C GLU A 449 -4.93 20.29 -5.78
N ARG A 450 -4.63 19.20 -6.49
CA ARG A 450 -3.92 19.32 -7.76
C ARG A 450 -4.81 19.83 -8.89
N SER A 451 -6.13 19.63 -8.81
CA SER A 451 -7.01 20.12 -9.86
C SER A 451 -7.34 21.60 -9.71
N GLY A 452 -7.42 22.09 -8.49
CA GLY A 452 -7.78 23.46 -8.22
C GLY A 452 -9.17 23.69 -7.63
N LEU A 453 -9.81 22.64 -7.09
CA LEU A 453 -11.10 22.82 -6.43
C LEU A 453 -10.98 23.62 -5.15
N SER A 454 -9.93 23.37 -4.37
CA SER A 454 -9.80 24.03 -3.07
C SER A 454 -9.48 25.52 -3.23
N GLU A 455 -8.66 25.87 -4.22
CA GLU A 455 -8.42 27.27 -4.54
C GLU A 455 -9.66 27.94 -5.11
N TRP A 456 -10.49 27.19 -5.84
CA TRP A 456 -11.70 27.77 -6.43
C TRP A 456 -12.75 28.03 -5.36
N LEU A 457 -12.97 27.06 -4.47
CA LEU A 457 -13.95 27.22 -3.40
C LEU A 457 -13.47 28.13 -2.29
N GLY A 458 -12.15 28.29 -2.13
CA GLY A 458 -11.65 29.24 -1.16
C GLY A 458 -11.89 30.69 -1.57
N ASN A 459 -11.82 30.96 -2.87
CA ASN A 459 -12.04 32.31 -3.39
C ASN A 459 -13.51 32.67 -3.51
N LYS A 460 -14.42 31.75 -3.18
CA LYS A 460 -15.83 32.07 -3.05
C LYS A 460 -16.19 32.60 -1.67
N LEU A 461 -15.28 32.49 -0.71
CA LEU A 461 -15.48 33.03 0.63
C LEU A 461 -15.21 34.52 0.69
N THR A 462 -14.52 35.06 -0.31
CA THR A 462 -14.20 36.49 -0.33
C THR A 462 -15.42 37.41 -0.50
N PRO A 463 -16.43 37.16 -1.39
CA PRO A 463 -17.55 38.12 -1.47
C PRO A 463 -18.59 38.00 -0.36
N LEU A 464 -18.26 37.32 0.73
CA LEU A 464 -19.11 37.28 1.92
C LEU A 464 -18.95 38.53 2.80
N GLN A 465 -18.22 39.54 2.34
CA GLN A 465 -18.00 40.75 3.13
C GLN A 465 -19.27 41.59 3.27
N SER A 466 -20.22 41.46 2.36
CA SER A 466 -21.49 42.18 2.47
C SER A 466 -22.54 41.36 3.20
N VAL A 467 -22.13 40.82 4.36
CA VAL A 467 -22.95 40.02 5.27
C VAL A 467 -22.57 40.54 6.65
N PRO A 468 -23.50 40.64 7.61
CA PRO A 468 -23.09 40.94 8.99
C PRO A 468 -22.20 39.85 9.57
N ALA A 469 -21.32 40.26 10.49
CA ALA A 469 -20.23 39.40 10.96
C ALA A 469 -20.63 38.13 11.73
N PRO A 470 -21.69 38.08 12.56
CA PRO A 470 -22.07 36.77 13.13
C PRO A 470 -22.58 35.76 12.12
N ALA A 471 -23.00 36.17 10.93
CA ALA A 471 -23.47 35.25 9.91
C ALA A 471 -22.36 34.78 8.98
N ILE A 472 -21.29 35.56 8.84
CA ILE A 472 -20.13 35.16 8.05
C ILE A 472 -19.50 33.90 8.63
N ALA A 473 -19.38 33.83 9.95
CA ALA A 473 -18.80 32.68 10.61
C ALA A 473 -19.67 31.44 10.46
N ILE A 474 -21.00 31.60 10.50
CA ILE A 474 -21.90 30.46 10.36
C ILE A 474 -21.91 29.92 8.94
N ILE A 475 -21.94 30.82 7.94
CA ILE A 475 -21.89 30.40 6.54
C ILE A 475 -20.55 29.75 6.21
N LEU A 476 -19.47 30.32 6.73
CA LEU A 476 -18.13 29.77 6.52
C LEU A 476 -17.97 28.41 7.19
N SER A 477 -18.51 28.24 8.40
CA SER A 477 -18.45 26.97 9.09
C SER A 477 -19.27 25.90 8.38
N LEU A 478 -20.44 26.27 7.83
CA LEU A 478 -21.23 25.34 7.03
C LEU A 478 -20.48 24.90 5.78
N LEU A 479 -19.83 25.85 5.08
CA LEU A 479 -19.10 25.52 3.86
C LEU A 479 -17.88 24.66 4.16
N VAL A 480 -17.15 24.95 5.24
CA VAL A 480 -15.96 24.18 5.56
C VAL A 480 -16.34 22.79 6.08
N ALA A 481 -17.41 22.68 6.86
CA ALA A 481 -17.89 21.38 7.32
C ALA A 481 -18.49 20.55 6.20
N THR A 482 -18.98 21.17 5.13
CA THR A 482 -19.40 20.41 3.96
C THR A 482 -18.20 19.97 3.12
N PHE A 483 -17.24 20.87 2.90
CA PHE A 483 -16.11 20.57 2.04
C PHE A 483 -15.10 19.63 2.68
N THR A 484 -15.05 19.54 4.00
CA THR A 484 -14.08 18.67 4.65
C THR A 484 -14.43 17.20 4.57
N GLU A 485 -15.63 16.85 4.08
CA GLU A 485 -15.97 15.46 3.85
C GLU A 485 -15.22 14.87 2.65
N CYS A 486 -14.79 15.71 1.72
CA CYS A 486 -14.14 15.26 0.50
C CYS A 486 -12.62 15.37 0.55
N THR A 487 -12.08 16.26 1.38
CA THR A 487 -10.68 16.63 1.32
C THR A 487 -9.99 16.34 2.66
N SER A 488 -8.73 16.77 2.72
CA SER A 488 -7.94 16.64 3.95
C SER A 488 -8.15 17.86 4.83
N ASN A 489 -7.98 17.67 6.14
CA ASN A 489 -8.18 18.76 7.09
C ASN A 489 -7.04 19.76 7.04
N VAL A 490 -5.80 19.25 6.99
CA VAL A 490 -4.61 20.10 6.97
C VAL A 490 -4.53 20.93 5.70
N ALA A 491 -4.81 20.34 4.54
CA ALA A 491 -4.77 21.08 3.28
C ALA A 491 -5.88 22.13 3.18
N THR A 492 -7.09 21.80 3.67
CA THR A 492 -8.18 22.76 3.67
C THR A 492 -7.89 23.93 4.59
N THR A 493 -7.33 23.66 5.76
CA THR A 493 -6.94 24.72 6.69
C THR A 493 -5.85 25.61 6.08
N THR A 494 -4.82 24.98 5.50
CA THR A 494 -3.68 25.70 4.92
C THR A 494 -4.10 26.59 3.75
N ILE A 495 -5.04 26.12 2.94
CA ILE A 495 -5.51 26.93 1.81
C ILE A 495 -6.51 28.00 2.28
N PHE A 496 -7.37 27.69 3.25
CA PHE A 496 -8.49 28.58 3.53
C PHE A 496 -8.13 29.70 4.51
N LEU A 497 -7.11 29.53 5.35
CA LEU A 497 -6.80 30.56 6.34
C LEU A 497 -6.20 31.88 5.81
N PRO A 498 -5.25 31.90 4.85
CA PRO A 498 -4.78 33.21 4.36
C PRO A 498 -5.81 33.98 3.53
N ILE A 499 -6.83 33.33 2.98
CA ILE A 499 -7.90 34.06 2.33
C ILE A 499 -8.77 34.76 3.36
N LEU A 500 -9.10 34.06 4.44
CA LEU A 500 -9.95 34.63 5.48
C LEU A 500 -9.25 35.71 6.28
N ALA A 501 -7.92 35.63 6.41
CA ALA A 501 -7.18 36.69 7.09
C ALA A 501 -7.26 38.01 6.32
N SER A 502 -7.08 37.96 5.01
CA SER A 502 -7.20 39.16 4.19
C SER A 502 -8.64 39.65 4.09
N MET A 503 -9.60 38.72 4.07
CA MET A 503 -11.01 39.11 4.07
C MET A 503 -11.41 39.79 5.37
N ALA A 504 -10.83 39.38 6.51
CA ALA A 504 -11.09 40.05 7.77
C ALA A 504 -10.34 41.37 7.87
N GLN A 505 -9.16 41.47 7.27
CA GLN A 505 -8.45 42.74 7.22
C GLN A 505 -9.13 43.76 6.32
N ALA A 506 -9.91 43.30 5.34
CA ALA A 506 -10.57 44.22 4.41
C ALA A 506 -11.74 44.96 5.05
N ILE A 507 -12.45 44.33 5.98
CA ILE A 507 -13.63 44.91 6.60
C ILE A 507 -13.38 45.35 8.04
N CYS A 508 -12.11 45.40 8.45
CA CYS A 508 -11.68 45.74 9.81
C CYS A 508 -12.35 44.85 10.86
N LEU A 509 -12.40 43.56 10.57
CA LEU A 509 -12.82 42.53 11.51
C LEU A 509 -11.59 41.87 12.09
N HIS A 510 -11.68 41.49 13.37
CA HIS A 510 -10.59 40.79 14.02
C HIS A 510 -10.41 39.42 13.39
N PRO A 511 -9.18 39.03 13.03
CA PRO A 511 -8.90 37.62 12.75
C PRO A 511 -9.11 36.78 13.99
N LEU A 512 -9.24 35.47 13.78
CA LEU A 512 -9.69 34.43 14.71
C LEU A 512 -11.17 34.55 15.05
N TYR A 513 -11.87 35.58 14.56
CA TYR A 513 -13.32 35.50 14.49
C TYR A 513 -13.75 34.68 13.28
N VAL A 514 -12.91 34.64 12.25
CA VAL A 514 -13.15 33.80 11.08
C VAL A 514 -12.14 32.67 10.96
N MET A 515 -11.02 32.71 11.69
CA MET A 515 -10.02 31.67 11.58
C MET A 515 -10.22 30.54 12.58
N LEU A 516 -10.72 30.85 13.78
CA LEU A 516 -11.11 29.82 14.74
C LEU A 516 -12.30 28.97 14.29
N PRO A 517 -13.40 29.53 13.72
CA PRO A 517 -14.42 28.62 13.17
C PRO A 517 -13.96 27.82 11.97
N CYS A 518 -13.05 28.36 11.17
CA CYS A 518 -12.49 27.58 10.07
C CYS A 518 -11.62 26.45 10.56
N THR A 519 -10.87 26.66 11.65
CA THR A 519 -10.04 25.60 12.20
C THR A 519 -10.88 24.54 12.89
N LEU A 520 -11.94 24.96 13.57
CA LEU A 520 -12.79 24.00 14.27
C LEU A 520 -13.71 23.24 13.34
N ALA A 521 -14.15 23.86 12.23
CA ALA A 521 -15.09 23.20 11.33
C ALA A 521 -14.43 22.16 10.45
N THR A 522 -13.10 22.17 10.32
CA THR A 522 -12.41 21.12 9.58
C THR A 522 -12.47 19.77 10.30
N SER A 523 -12.67 19.78 11.61
CA SER A 523 -12.78 18.56 12.40
C SER A 523 -14.18 17.99 12.45
N LEU A 524 -15.18 18.72 11.98
CA LEU A 524 -16.57 18.25 11.94
C LEU A 524 -16.76 17.44 10.67
N ALA A 525 -16.23 16.22 10.69
CA ALA A 525 -16.19 15.37 9.51
C ALA A 525 -16.83 14.04 9.89
N PHE A 526 -18.09 13.85 9.50
CA PHE A 526 -18.90 12.77 10.06
C PHE A 526 -19.67 11.93 9.04
N MET A 527 -19.70 12.30 7.76
CA MET A 527 -20.63 11.68 6.81
C MET A 527 -19.99 10.64 5.89
N LEU A 528 -18.75 10.86 5.46
CA LEU A 528 -18.18 10.01 4.44
C LEU A 528 -17.01 9.21 5.01
N PRO A 529 -16.70 8.03 4.43
CA PRO A 529 -15.55 7.25 4.95
C PRO A 529 -14.20 7.89 4.71
N VAL A 530 -14.10 8.85 3.80
CA VAL A 530 -12.82 9.46 3.45
C VAL A 530 -12.66 10.83 4.08
N ALA A 531 -13.54 11.18 5.01
CA ALA A 531 -13.46 12.48 5.66
C ALA A 531 -12.32 12.52 6.67
N THR A 532 -12.22 11.50 7.51
CA THR A 532 -11.19 11.35 8.52
C THR A 532 -10.80 9.89 8.49
N PRO A 533 -9.58 9.53 8.90
CA PRO A 533 -9.24 8.09 9.02
C PRO A 533 -10.04 7.35 10.09
N PRO A 534 -10.46 7.96 11.22
CA PRO A 534 -11.50 7.31 12.03
C PRO A 534 -12.79 6.95 11.32
N ASN A 535 -13.17 7.71 10.28
CA ASN A 535 -14.39 7.40 9.54
C ASN A 535 -14.24 6.13 8.72
N ALA A 536 -13.02 5.78 8.33
CA ALA A 536 -12.77 4.55 7.58
C ALA A 536 -12.43 3.36 8.45
N ILE A 537 -11.87 3.59 9.65
CA ILE A 537 -11.43 2.47 10.50
C ILE A 537 -12.62 1.69 11.06
N VAL A 538 -13.79 2.32 11.22
CA VAL A 538 -14.94 1.62 11.80
C VAL A 538 -15.64 0.67 10.84
N PHE A 539 -15.19 0.56 9.59
CA PHE A 539 -15.71 -0.45 8.69
C PHE A 539 -14.87 -1.72 8.69
N SER A 540 -14.07 -1.92 9.74
CA SER A 540 -13.12 -3.03 9.80
C SER A 540 -13.77 -4.37 10.06
N PHE A 541 -15.01 -4.40 10.54
CA PHE A 541 -15.65 -5.65 10.88
C PHE A 541 -16.92 -5.94 10.08
N GLY A 542 -17.39 -5.00 9.27
CA GLY A 542 -18.38 -5.30 8.25
C GLY A 542 -19.83 -5.18 8.66
N ASP A 543 -20.12 -4.71 9.87
CA ASP A 543 -21.50 -4.57 10.30
C ASP A 543 -22.13 -3.24 9.93
N LEU A 544 -21.33 -2.25 9.56
CA LEU A 544 -21.83 -0.92 9.25
C LEU A 544 -22.14 -0.76 7.76
N LYS A 545 -23.00 0.21 7.48
CA LYS A 545 -23.22 0.71 6.13
C LYS A 545 -22.84 2.18 6.08
N VAL A 546 -22.49 2.66 4.88
CA VAL A 546 -22.14 4.06 4.70
C VAL A 546 -23.37 4.95 4.84
N LEU A 547 -24.55 4.42 4.55
CA LEU A 547 -25.78 5.17 4.72
C LEU A 547 -26.11 5.44 6.17
N ASP A 548 -25.76 4.52 7.08
CA ASP A 548 -25.92 4.78 8.51
C ASP A 548 -25.01 5.91 8.97
N MET A 549 -23.77 5.92 8.50
CA MET A 549 -22.82 6.97 8.84
C MET A 549 -23.26 8.32 8.30
N ALA A 550 -23.76 8.36 7.06
CA ALA A 550 -24.25 9.60 6.49
C ALA A 550 -25.51 10.12 7.18
N ARG A 551 -26.45 9.22 7.48
CA ARG A 551 -27.67 9.58 8.19
C ARG A 551 -27.40 10.08 9.61
N ALA A 552 -26.37 9.53 10.26
CA ALA A 552 -26.02 10.02 11.58
C ALA A 552 -25.22 11.31 11.54
N GLY A 553 -24.38 11.50 10.52
CA GLY A 553 -23.51 12.65 10.48
C GLY A 553 -24.07 13.90 9.88
N PHE A 554 -25.15 13.80 9.09
CA PHE A 554 -25.74 14.97 8.46
C PHE A 554 -26.30 15.96 9.48
N LEU A 555 -26.87 15.46 10.58
CA LEU A 555 -27.36 16.36 11.62
C LEU A 555 -26.25 16.77 12.57
N LEU A 556 -25.25 15.91 12.76
CA LEU A 556 -24.14 16.22 13.64
C LEU A 556 -23.27 17.35 13.10
N ASN A 557 -23.19 17.49 11.77
CA ASN A 557 -22.52 18.64 11.17
C ASN A 557 -23.21 19.96 11.55
N ILE A 558 -24.55 19.99 11.48
CA ILE A 558 -25.30 21.20 11.81
C ILE A 558 -25.21 21.49 13.30
N ILE A 559 -25.26 20.45 14.13
CA ILE A 559 -25.13 20.62 15.58
C ILE A 559 -23.74 21.16 15.94
N GLY A 560 -22.70 20.67 15.28
CA GLY A 560 -21.36 21.19 15.52
C GLY A 560 -21.17 22.62 15.06
N VAL A 561 -21.79 22.99 13.93
CA VAL A 561 -21.73 24.37 13.46
C VAL A 561 -22.42 25.31 14.45
N LEU A 562 -23.57 24.89 14.99
CA LEU A 562 -24.25 25.70 16.00
C LEU A 562 -23.49 25.78 17.32
N VAL A 563 -22.77 24.73 17.70
CA VAL A 563 -21.96 24.79 18.92
C VAL A 563 -20.75 25.71 18.73
N ILE A 564 -20.13 25.71 17.54
CA ILE A 564 -19.06 26.66 17.25
C ILE A 564 -19.58 28.09 17.24
N ALA A 565 -20.79 28.30 16.71
CA ALA A 565 -21.38 29.64 16.70
C ALA A 565 -21.75 30.10 18.11
N LEU A 566 -22.11 29.17 19.00
CA LEU A 566 -22.29 29.53 20.39
C LEU A 566 -20.97 29.89 21.07
N ALA A 567 -19.91 29.14 20.75
CA ALA A 567 -18.62 29.37 21.40
C ALA A 567 -17.92 30.64 20.93
N ILE A 568 -18.13 31.06 19.68
CA ILE A 568 -17.43 32.24 19.19
C ILE A 568 -18.11 33.53 19.59
N ASN A 569 -19.38 33.48 20.00
CA ASN A 569 -20.14 34.67 20.34
C ASN A 569 -20.41 34.81 21.83
N SER A 570 -19.89 33.89 22.65
CA SER A 570 -19.96 33.96 24.09
C SER A 570 -18.78 33.17 24.61
N TRP A 571 -18.07 33.72 25.59
CA TRP A 571 -16.82 33.24 26.21
C TRP A 571 -15.68 33.05 25.21
N GLY A 572 -15.80 33.53 23.97
CA GLY A 572 -14.69 33.57 23.05
C GLY A 572 -14.35 35.01 22.78
N ILE A 573 -15.37 35.86 22.89
CA ILE A 573 -15.14 37.30 22.85
C ILE A 573 -14.31 37.83 24.01
N PRO A 574 -14.55 37.44 25.29
CA PRO A 574 -13.65 37.96 26.34
C PRO A 574 -12.22 37.42 26.30
N LEU A 575 -12.02 36.11 26.10
CA LEU A 575 -10.68 35.59 26.27
C LEU A 575 -9.81 35.73 25.02
N PHE A 576 -10.33 36.33 23.95
CA PHE A 576 -9.51 36.62 22.78
C PHE A 576 -9.60 38.08 22.35
N SER A 577 -10.47 38.88 22.97
CA SER A 577 -10.75 40.29 22.63
C SER A 577 -11.16 40.42 21.16
N LEU A 578 -12.27 39.77 20.83
CA LEU A 578 -12.76 39.70 19.45
C LEU A 578 -13.69 40.85 19.08
N HIS A 579 -13.56 42.00 19.76
CA HIS A 579 -14.42 43.14 19.49
C HIS A 579 -13.61 44.44 19.38
N SER A 580 -12.33 44.33 19.02
CA SER A 580 -11.44 45.48 19.14
C SER A 580 -10.59 45.78 17.90
N PHE A 581 -10.29 44.80 17.04
CA PHE A 581 -9.33 44.88 15.93
C PHE A 581 -7.97 45.40 16.38
N PRO A 582 -7.13 44.54 16.94
CA PRO A 582 -5.88 44.99 17.57
C PRO A 582 -4.87 45.48 16.55
N SER A 583 -3.77 46.04 17.09
CA SER A 583 -2.80 46.73 16.26
C SER A 583 -1.84 45.79 15.54
N TRP A 584 -1.79 44.51 15.90
CA TRP A 584 -0.90 43.60 15.19
C TRP A 584 -1.50 43.08 13.89
N ALA A 585 -2.74 43.42 13.59
CA ALA A 585 -3.39 43.03 12.35
C ALA A 585 -3.42 44.15 11.33
N GLN A 586 -2.71 45.25 11.58
CA GLN A 586 -2.71 46.39 10.67
C GLN A 586 -1.75 46.16 9.51
N SER A 587 -2.04 46.80 8.39
CA SER A 587 -1.22 46.71 7.20
C SER A 587 -1.30 48.04 6.46
N ASN A 588 -0.86 48.04 5.19
CA ASN A 588 -0.93 49.25 4.39
C ASN A 588 -2.28 49.45 3.71
N THR A 589 -3.17 48.44 3.76
CA THR A 589 -4.48 48.52 3.12
C THR A 589 -5.59 48.89 4.09
N THR A 590 -5.35 48.85 5.40
CA THR A 590 -6.40 49.13 6.35
C THR A 590 -6.66 50.63 6.46
N ALA A 591 -5.65 51.39 6.87
CA ALA A 591 -5.76 52.84 6.97
C ALA A 591 -4.40 53.48 6.76
N MET B 14 23.58 -33.18 29.19
CA MET B 14 23.39 -34.23 28.19
C MET B 14 23.16 -33.64 26.80
N ALA B 15 22.87 -34.51 25.83
CA ALA B 15 22.75 -34.11 24.44
C ALA B 15 21.39 -33.52 24.10
N THR B 16 20.45 -33.48 25.03
CA THR B 16 19.12 -32.96 24.72
C THR B 16 19.07 -31.43 24.67
N CYS B 17 20.14 -30.75 25.08
CA CYS B 17 20.24 -29.32 24.91
C CYS B 17 20.61 -28.93 23.48
N TRP B 18 21.30 -29.80 22.76
CA TRP B 18 21.72 -29.49 21.41
C TRP B 18 20.57 -29.51 20.40
N GLN B 19 19.51 -30.27 20.66
CA GLN B 19 18.31 -30.16 19.82
C GLN B 19 17.45 -28.97 20.20
N ALA B 20 17.46 -28.56 21.47
CA ALA B 20 16.75 -27.35 21.86
C ALA B 20 17.43 -26.11 21.31
N LEU B 21 18.76 -26.14 21.16
CA LEU B 21 19.46 -25.03 20.54
C LEU B 21 19.27 -25.00 19.03
N TRP B 22 19.01 -26.15 18.42
CA TRP B 22 18.80 -26.20 16.97
C TRP B 22 17.37 -25.92 16.58
N ALA B 23 16.41 -26.23 17.45
CA ALA B 23 15.01 -25.91 17.17
C ALA B 23 14.76 -24.42 17.23
N TYR B 24 15.49 -23.72 18.11
CA TYR B 24 15.34 -22.29 18.32
C TYR B 24 16.27 -21.46 17.44
N ARG B 25 16.61 -21.94 16.25
CA ARG B 25 17.66 -21.30 15.46
C ARG B 25 17.23 -19.98 14.85
N SER B 26 15.95 -19.80 14.54
CA SER B 26 15.49 -18.54 13.97
C SER B 26 15.48 -17.42 15.00
N TYR B 27 15.10 -17.73 16.24
CA TYR B 27 15.19 -16.76 17.32
C TYR B 27 16.63 -16.36 17.60
N LEU B 28 17.55 -17.31 17.54
CA LEU B 28 18.97 -17.02 17.69
C LEU B 28 19.51 -16.18 16.55
N ILE B 29 19.05 -16.40 15.32
CA ILE B 29 19.47 -15.56 14.20
C ILE B 29 18.97 -14.13 14.38
N VAL B 30 17.69 -13.96 14.71
CA VAL B 30 17.11 -12.63 14.93
C VAL B 30 17.76 -11.92 16.12
N PHE B 31 18.20 -12.64 17.14
CA PHE B 31 18.88 -11.97 18.23
C PHE B 31 20.35 -11.65 17.93
N PHE B 32 21.07 -12.53 17.24
CA PHE B 32 22.52 -12.40 17.17
C PHE B 32 23.01 -11.69 15.91
N VAL B 33 22.26 -11.71 14.81
CA VAL B 33 22.71 -11.02 13.60
C VAL B 33 22.72 -9.49 13.74
N PRO B 34 21.73 -8.81 14.34
CA PRO B 34 21.91 -7.37 14.58
C PRO B 34 23.02 -7.00 15.54
N ILE B 35 23.42 -7.90 16.45
CA ILE B 35 24.50 -7.58 17.38
C ILE B 35 25.86 -7.77 16.70
N LEU B 36 25.98 -8.78 15.84
CA LEU B 36 27.26 -9.07 15.21
C LEU B 36 27.65 -8.06 14.13
N LEU B 37 26.69 -7.30 13.61
CA LEU B 37 26.97 -6.28 12.60
C LEU B 37 27.06 -4.88 13.18
N LEU B 38 26.90 -4.73 14.49
CA LEU B 38 27.01 -3.42 15.13
C LEU B 38 28.37 -2.71 15.03
N PRO B 39 29.53 -3.37 14.87
CA PRO B 39 30.76 -2.62 14.56
C PRO B 39 30.71 -1.78 13.29
N LEU B 40 29.84 -2.08 12.31
CA LEU B 40 29.80 -1.24 11.11
C LEU B 40 29.14 0.12 11.37
N PRO B 41 28.00 0.25 12.08
CA PRO B 41 27.58 1.61 12.45
C PRO B 41 28.31 2.20 13.66
N ILE B 42 28.93 1.40 14.51
CA ILE B 42 29.62 1.96 15.66
C ILE B 42 31.00 2.50 15.28
N LEU B 43 31.79 1.72 14.53
CA LEU B 43 33.14 2.15 14.18
C LEU B 43 33.15 3.15 13.03
N VAL B 44 32.18 3.08 12.13
CA VAL B 44 32.10 4.02 11.00
C VAL B 44 30.80 4.81 11.14
N PRO B 45 30.78 5.92 11.87
CA PRO B 45 29.54 6.69 11.97
C PRO B 45 29.28 7.53 10.72
N SER B 46 28.34 7.08 9.89
CA SER B 46 28.04 7.69 8.61
C SER B 46 26.72 7.15 8.12
N LYS B 47 26.02 7.94 7.30
CA LYS B 47 24.75 7.50 6.75
C LYS B 47 24.91 6.39 5.72
N GLU B 48 26.05 6.35 5.01
CA GLU B 48 26.33 5.24 4.11
C GLU B 48 26.51 3.93 4.85
N ALA B 49 27.20 3.95 6.00
CA ALA B 49 27.29 2.78 6.86
C ALA B 49 25.97 2.42 7.50
N TYR B 50 25.14 3.42 7.83
CA TYR B 50 23.83 3.15 8.40
C TYR B 50 22.89 2.53 7.38
N CYS B 51 23.07 2.82 6.09
CA CYS B 51 22.26 2.16 5.07
C CYS B 51 22.82 0.78 4.71
N ALA B 52 24.15 0.64 4.71
CA ALA B 52 24.76 -0.67 4.45
C ALA B 52 24.42 -1.67 5.53
N TYR B 53 24.30 -1.22 6.79
CA TYR B 53 23.85 -2.08 7.89
C TYR B 53 22.45 -2.62 7.64
N ALA B 54 21.53 -1.75 7.21
CA ALA B 54 20.15 -2.16 6.92
C ALA B 54 20.07 -3.12 5.73
N ILE B 55 20.88 -2.88 4.70
CA ILE B 55 20.89 -3.75 3.53
C ILE B 55 21.41 -5.14 3.88
N ILE B 56 22.53 -5.21 4.62
CA ILE B 56 23.10 -6.49 5.02
C ILE B 56 22.16 -7.23 5.97
N LEU B 57 21.48 -6.50 6.86
CA LEU B 57 20.56 -7.11 7.80
C LEU B 57 19.34 -7.70 7.10
N MET B 58 18.76 -6.97 6.13
CA MET B 58 17.61 -7.49 5.43
C MET B 58 17.97 -8.64 4.49
N ALA B 59 19.16 -8.61 3.89
CA ALA B 59 19.60 -9.75 3.08
C ALA B 59 19.84 -10.99 3.92
N LEU B 60 20.43 -10.83 5.11
CA LEU B 60 20.63 -11.96 6.02
C LEU B 60 19.33 -12.49 6.59
N PHE B 61 18.35 -11.62 6.82
CA PHE B 61 17.06 -12.10 7.30
C PHE B 61 16.21 -12.73 6.20
N TRP B 62 16.47 -12.39 4.94
CA TRP B 62 15.75 -13.04 3.85
C TRP B 62 16.37 -14.38 3.45
N CYS B 63 17.70 -14.47 3.45
CA CYS B 63 18.32 -15.73 3.02
C CYS B 63 18.15 -16.84 4.03
N THR B 64 18.08 -16.51 5.32
CA THR B 64 17.84 -17.51 6.35
C THR B 64 16.37 -17.76 6.61
N GLU B 65 15.50 -16.81 6.25
CA GLU B 65 14.06 -16.82 6.49
C GLU B 65 13.75 -17.03 7.97
N ALA B 66 14.43 -16.25 8.81
CA ALA B 66 14.16 -16.29 10.25
C ALA B 66 12.86 -15.56 10.59
N LEU B 67 12.45 -14.63 9.74
CA LEU B 67 11.18 -13.93 9.81
C LEU B 67 10.44 -14.18 8.51
N PRO B 68 9.13 -13.92 8.46
CA PRO B 68 8.44 -13.91 7.16
C PRO B 68 8.93 -12.80 6.27
N LEU B 69 8.67 -12.95 4.96
CA LEU B 69 9.20 -12.04 3.96
C LEU B 69 8.60 -10.64 4.08
N ALA B 70 7.29 -10.56 4.29
CA ALA B 70 6.62 -9.28 4.48
C ALA B 70 6.99 -8.62 5.81
N VAL B 71 7.47 -9.38 6.79
CA VAL B 71 7.89 -8.78 8.04
C VAL B 71 9.29 -8.18 7.92
N THR B 72 10.18 -8.86 7.20
CA THR B 72 11.49 -8.30 6.89
C THR B 72 11.38 -7.10 5.97
N ALA B 73 10.36 -7.09 5.10
CA ALA B 73 10.12 -5.94 4.23
C ALA B 73 9.61 -4.70 4.96
N LEU B 74 9.22 -4.82 6.23
CA LEU B 74 8.76 -3.68 7.02
C LEU B 74 9.89 -3.00 7.78
N PHE B 75 11.08 -3.54 7.73
CA PHE B 75 12.26 -3.02 8.43
C PHE B 75 12.76 -1.63 8.03
N PRO B 76 12.67 -1.16 6.76
CA PRO B 76 13.03 0.25 6.49
C PRO B 76 12.17 1.27 7.21
N LEU B 77 10.89 0.96 7.46
CA LEU B 77 9.96 1.87 8.13
C LEU B 77 10.38 2.19 9.55
N ILE B 78 11.06 1.27 10.22
CA ILE B 78 11.59 1.53 11.55
C ILE B 78 13.08 1.86 11.52
N LEU B 79 13.81 1.43 10.50
CA LEU B 79 15.25 1.63 10.51
C LEU B 79 15.65 3.02 10.04
N PHE B 80 15.08 3.49 8.92
CA PHE B 80 15.53 4.74 8.31
C PHE B 80 15.19 6.00 9.12
N PRO B 81 14.04 6.14 9.78
CA PRO B 81 13.90 7.27 10.71
C PRO B 81 14.71 7.17 11.99
N MET B 82 15.07 5.96 12.42
CA MET B 82 15.80 5.79 13.67
C MET B 82 17.31 5.88 13.51
N MET B 83 17.81 6.19 12.32
CA MET B 83 19.21 6.60 12.18
C MET B 83 19.37 7.84 11.32
N GLY B 84 18.29 8.57 11.06
CA GLY B 84 18.40 9.86 10.44
C GLY B 84 18.57 9.86 8.94
N ILE B 85 18.30 8.73 8.27
CA ILE B 85 18.44 8.68 6.82
C ILE B 85 17.32 9.47 6.15
N VAL B 86 16.08 9.23 6.56
CA VAL B 86 14.92 9.85 5.94
C VAL B 86 13.80 9.86 6.97
N ASP B 87 12.82 10.73 6.77
CA ASP B 87 11.71 10.87 7.70
C ASP B 87 10.75 9.69 7.58
N ALA B 88 9.91 9.53 8.60
CA ALA B 88 8.89 8.49 8.57
C ALA B 88 7.83 8.77 7.51
N SER B 89 7.50 10.05 7.31
CA SER B 89 6.55 10.45 6.29
C SER B 89 7.09 10.18 4.89
N GLU B 90 8.39 10.33 4.69
CA GLU B 90 8.97 10.09 3.38
C GLU B 90 9.25 8.63 3.09
N VAL B 91 9.56 7.83 4.11
CA VAL B 91 9.72 6.40 3.88
C VAL B 91 8.35 5.71 3.77
N ALA B 92 7.29 6.33 4.30
CA ALA B 92 5.97 5.72 4.21
C ALA B 92 5.44 5.77 2.78
N VAL B 93 5.61 6.88 2.08
CA VAL B 93 5.23 6.91 0.69
C VAL B 93 6.42 6.47 -0.17
N GLU B 94 6.74 5.20 -0.06
CA GLU B 94 7.63 4.47 -0.95
C GLU B 94 7.13 3.07 -1.17
N TYR B 95 6.07 2.66 -0.51
CA TYR B 95 5.68 1.28 -0.38
C TYR B 95 4.60 0.86 -1.37
N LEU B 96 4.09 1.78 -2.17
CA LEU B 96 3.04 1.43 -3.12
C LEU B 96 3.19 2.36 -4.33
N LYS B 97 3.90 1.88 -5.34
CA LYS B 97 4.15 2.59 -6.56
C LYS B 97 3.25 2.04 -7.66
N ASP B 98 3.46 2.49 -8.90
CA ASP B 98 2.64 2.01 -10.00
C ASP B 98 2.99 0.58 -10.39
N SER B 99 4.23 0.17 -10.17
CA SER B 99 4.65 -1.20 -10.47
C SER B 99 4.04 -2.20 -9.49
N ASN B 100 3.67 -1.72 -8.31
CA ASN B 100 3.02 -2.56 -7.31
C ASN B 100 1.52 -2.70 -7.59
N LEU B 101 0.87 -1.61 -8.04
CA LEU B 101 -0.49 -1.66 -8.53
C LEU B 101 -0.63 -2.48 -9.80
N LEU B 102 0.41 -2.54 -10.62
CA LEU B 102 0.39 -3.42 -11.79
C LEU B 102 0.33 -4.88 -11.38
N PHE B 103 1.09 -5.26 -10.35
CA PHE B 103 1.02 -6.61 -9.80
C PHE B 103 -0.34 -6.90 -9.21
N PHE B 104 -0.92 -5.91 -8.50
CA PHE B 104 -2.25 -6.05 -7.92
C PHE B 104 -3.31 -6.28 -8.99
N GLY B 105 -3.28 -5.51 -10.08
CA GLY B 105 -4.26 -5.70 -11.15
C GLY B 105 -4.08 -6.97 -11.95
N GLY B 106 -2.83 -7.36 -12.23
CA GLY B 106 -2.56 -8.61 -12.91
C GLY B 106 -2.98 -9.84 -12.12
N LEU B 107 -2.67 -9.85 -10.83
CA LEU B 107 -3.14 -10.95 -9.98
C LEU B 107 -4.63 -10.88 -9.73
N LEU B 108 -5.24 -9.70 -9.83
CA LEU B 108 -6.69 -9.59 -9.75
C LEU B 108 -7.36 -10.23 -10.96
N VAL B 109 -6.72 -10.15 -12.12
CA VAL B 109 -7.21 -10.89 -13.30
C VAL B 109 -6.95 -12.39 -13.15
N ALA B 110 -5.79 -12.78 -12.61
CA ALA B 110 -5.45 -14.18 -12.43
C ALA B 110 -6.35 -14.90 -11.42
N ILE B 111 -6.84 -14.20 -10.40
CA ILE B 111 -7.77 -14.79 -9.45
C ILE B 111 -9.09 -15.15 -10.13
N ALA B 112 -9.56 -14.29 -11.04
CA ALA B 112 -10.77 -14.59 -11.79
C ALA B 112 -10.55 -15.70 -12.80
N VAL B 113 -9.33 -15.82 -13.35
CA VAL B 113 -9.02 -16.95 -14.23
C VAL B 113 -9.06 -18.27 -13.45
N GLU B 114 -8.50 -18.28 -12.24
CA GLU B 114 -8.47 -19.49 -11.44
C GLU B 114 -9.84 -19.85 -10.86
N HIS B 115 -10.68 -18.85 -10.56
CA HIS B 115 -11.94 -19.11 -9.87
C HIS B 115 -12.98 -19.76 -10.76
N TRP B 116 -12.89 -19.55 -12.08
CA TRP B 116 -13.89 -20.07 -13.01
C TRP B 116 -13.35 -21.18 -13.89
N ASN B 117 -12.25 -21.83 -13.46
CA ASN B 117 -11.67 -23.03 -14.07
C ASN B 117 -11.20 -22.80 -15.51
N LEU B 118 -10.80 -21.58 -15.85
CA LEU B 118 -10.17 -21.34 -17.14
C LEU B 118 -8.69 -21.70 -17.11
N HIS B 119 -8.07 -21.66 -15.92
CA HIS B 119 -6.68 -22.06 -15.77
C HIS B 119 -6.46 -23.53 -16.06
N LYS B 120 -7.46 -24.37 -15.79
CA LYS B 120 -7.40 -25.78 -16.16
C LYS B 120 -7.46 -25.98 -17.67
N ARG B 121 -8.29 -25.20 -18.37
CA ARG B 121 -8.34 -25.25 -19.83
C ARG B 121 -7.02 -24.84 -20.46
N ILE B 122 -6.46 -23.72 -19.98
CA ILE B 122 -5.20 -23.22 -20.52
C ILE B 122 -4.07 -24.21 -20.25
N ALA B 123 -4.03 -24.77 -19.03
CA ALA B 123 -2.98 -25.72 -18.67
C ALA B 123 -3.09 -27.01 -19.46
N LEU B 124 -4.30 -27.54 -19.65
CA LEU B 124 -4.46 -28.77 -20.40
C LEU B 124 -4.19 -28.58 -21.89
N ARG B 125 -4.53 -27.43 -22.46
CA ARG B 125 -4.20 -27.19 -23.87
C ARG B 125 -2.70 -26.96 -24.08
N VAL B 126 -2.03 -26.30 -23.13
CA VAL B 126 -0.58 -26.15 -23.20
C VAL B 126 0.11 -27.51 -23.09
N LEU B 127 -0.33 -28.36 -22.17
CA LEU B 127 0.26 -29.69 -22.04
C LEU B 127 -0.12 -30.61 -23.20
N LEU B 128 -1.22 -30.33 -23.91
CA LEU B 128 -1.54 -31.09 -25.10
C LEU B 128 -0.72 -30.67 -26.30
N ILE B 129 -0.30 -29.41 -26.38
CA ILE B 129 0.48 -28.92 -27.51
C ILE B 129 1.96 -29.26 -27.36
N VAL B 130 2.58 -28.90 -26.24
CA VAL B 130 4.03 -29.08 -26.09
C VAL B 130 4.41 -30.41 -25.44
N GLY B 131 3.44 -31.18 -24.98
CA GLY B 131 3.74 -32.50 -24.43
C GLY B 131 4.22 -32.46 -23.00
N VAL B 132 4.61 -33.63 -22.52
CA VAL B 132 5.07 -33.80 -21.14
C VAL B 132 6.52 -34.28 -21.18
N ARG B 133 7.45 -33.31 -21.18
CA ARG B 133 8.88 -33.54 -21.12
C ARG B 133 9.35 -32.30 -20.38
N PRO B 134 10.19 -32.45 -19.34
CA PRO B 134 10.50 -31.30 -18.47
C PRO B 134 11.28 -30.17 -19.13
N ALA B 135 12.41 -30.50 -19.75
CA ALA B 135 13.29 -29.50 -20.34
C ALA B 135 12.73 -28.81 -21.59
N PRO B 136 12.05 -29.48 -22.54
CA PRO B 136 11.37 -28.71 -23.61
C PRO B 136 10.23 -27.84 -23.12
N LEU B 137 9.51 -28.24 -22.08
CA LEU B 137 8.45 -27.41 -21.52
C LEU B 137 9.00 -26.17 -20.84
N ILE B 138 10.10 -26.33 -20.09
CA ILE B 138 10.78 -25.19 -19.47
C ILE B 138 11.34 -24.25 -20.53
N LEU B 139 11.90 -24.81 -21.61
CA LEU B 139 12.43 -23.99 -22.70
C LEU B 139 11.32 -23.23 -23.43
N GLY B 140 10.16 -23.85 -23.62
CA GLY B 140 9.04 -23.15 -24.25
C GLY B 140 8.51 -22.00 -23.41
N PHE B 141 8.39 -22.22 -22.09
CA PHE B 141 8.02 -21.13 -21.19
C PHE B 141 9.05 -20.01 -21.16
N MET B 142 10.35 -20.34 -21.20
CA MET B 142 11.40 -19.33 -21.25
C MET B 142 11.35 -18.50 -22.54
N LEU B 143 11.17 -19.15 -23.68
CA LEU B 143 11.11 -18.45 -24.96
C LEU B 143 9.88 -17.55 -25.06
N VAL B 144 8.72 -18.02 -24.61
CA VAL B 144 7.52 -17.21 -24.66
C VAL B 144 7.61 -16.02 -23.70
N THR B 145 8.16 -16.24 -22.50
CA THR B 145 8.31 -15.13 -21.54
C THR B 145 9.32 -14.10 -22.03
N ALA B 146 10.41 -14.52 -22.66
CA ALA B 146 11.38 -13.57 -23.20
C ALA B 146 10.84 -12.79 -24.39
N PHE B 147 10.10 -13.45 -25.29
CA PHE B 147 9.50 -12.74 -26.42
C PHE B 147 8.43 -11.76 -25.96
N LEU B 148 7.66 -12.12 -24.94
CA LEU B 148 6.68 -11.17 -24.41
C LEU B 148 7.36 -10.02 -23.69
N SER B 149 8.48 -10.28 -23.01
CA SER B 149 9.20 -9.23 -22.31
C SER B 149 9.98 -8.31 -23.24
N MET B 150 10.17 -8.69 -24.50
CA MET B 150 10.75 -7.77 -25.47
C MET B 150 9.85 -6.57 -25.79
N TRP B 151 8.54 -6.68 -25.59
CA TRP B 151 7.61 -5.66 -26.04
C TRP B 151 6.78 -5.01 -24.94
N ILE B 152 6.55 -5.70 -23.81
CA ILE B 152 5.84 -5.08 -22.70
C ILE B 152 6.76 -5.06 -21.49
N SER B 153 6.26 -4.53 -20.37
CA SER B 153 7.04 -4.42 -19.15
C SER B 153 7.37 -5.79 -18.57
N ASN B 154 8.44 -5.84 -17.77
CA ASN B 154 8.83 -7.10 -17.13
C ASN B 154 7.86 -7.49 -16.03
N THR B 155 7.33 -6.51 -15.31
CA THR B 155 6.36 -6.76 -14.25
C THR B 155 5.04 -7.28 -14.81
N ALA B 156 4.59 -6.73 -15.94
CA ALA B 156 3.38 -7.21 -16.60
C ALA B 156 3.56 -8.63 -17.13
N THR B 157 4.75 -8.94 -17.65
CA THR B 157 5.03 -10.28 -18.16
C THR B 157 5.07 -11.30 -17.03
N SER B 158 5.67 -10.95 -15.90
CA SER B 158 5.70 -11.87 -14.75
C SER B 158 4.32 -12.06 -14.15
N ALA B 159 3.56 -10.96 -13.98
CA ALA B 159 2.22 -11.04 -13.41
C ALA B 159 1.24 -11.75 -14.33
N MET B 160 1.54 -11.82 -15.63
CA MET B 160 0.75 -12.64 -16.54
C MET B 160 1.21 -14.10 -16.54
N MET B 161 2.51 -14.37 -16.42
CA MET B 161 3.06 -15.67 -16.75
C MET B 161 3.33 -16.58 -15.56
N VAL B 162 3.46 -16.05 -14.35
CA VAL B 162 3.67 -16.88 -13.16
C VAL B 162 2.45 -17.74 -12.81
N PRO B 163 1.20 -17.24 -12.79
CA PRO B 163 0.07 -18.16 -12.51
C PRO B 163 -0.19 -19.19 -13.61
N ILE B 164 0.14 -18.88 -14.87
CA ILE B 164 -0.03 -19.85 -15.95
C ILE B 164 0.91 -21.03 -15.77
N ALA B 165 2.17 -20.75 -15.45
CA ALA B 165 3.14 -21.80 -15.16
C ALA B 165 2.77 -22.58 -13.91
N HIS B 166 2.22 -21.92 -12.89
CA HIS B 166 1.73 -22.62 -11.71
C HIS B 166 0.60 -23.59 -12.04
N ALA B 167 -0.34 -23.18 -12.91
CA ALA B 167 -1.44 -24.05 -13.30
C ALA B 167 -0.99 -25.23 -14.15
N VAL B 168 -0.08 -24.98 -15.11
CA VAL B 168 0.48 -26.04 -15.94
C VAL B 168 1.22 -27.05 -15.09
N LEU B 169 1.95 -26.58 -14.09
CA LEU B 169 2.70 -27.42 -13.18
C LEU B 169 1.79 -28.25 -12.27
N ASP B 170 0.68 -27.67 -11.80
CA ASP B 170 -0.31 -28.42 -11.02
C ASP B 170 -0.95 -29.53 -11.84
N GLN B 171 -1.32 -29.24 -13.09
CA GLN B 171 -1.92 -30.28 -13.94
C GLN B 171 -0.92 -31.37 -14.32
N LEU B 172 0.34 -31.00 -14.53
CA LEU B 172 1.39 -31.98 -14.77
C LEU B 172 1.66 -32.86 -13.56
N HIS B 173 1.55 -32.31 -12.36
CA HIS B 173 1.67 -33.13 -11.16
C HIS B 173 0.49 -34.09 -11.02
N SER B 174 -0.73 -33.60 -11.30
CA SER B 174 -1.90 -34.45 -11.07
C SER B 174 -2.07 -35.50 -12.17
N SER B 175 -1.43 -35.33 -13.31
CA SER B 175 -1.52 -36.37 -14.34
C SER B 175 -0.58 -37.55 -14.09
N GLN B 176 0.42 -37.39 -13.21
CA GLN B 176 1.37 -38.46 -12.93
C GLN B 176 1.03 -39.19 -11.63
N ALA B 177 -0.23 -39.21 -11.25
CA ALA B 177 -0.67 -39.90 -10.04
C ALA B 177 -2.07 -40.47 -10.24
N LYS B 226 10.91 -34.84 -6.43
CA LYS B 226 11.35 -34.70 -7.82
C LYS B 226 10.51 -33.63 -8.53
N HIS B 227 9.21 -33.60 -8.23
CA HIS B 227 8.37 -32.50 -8.70
C HIS B 227 8.66 -31.21 -7.95
N LEU B 228 9.21 -31.31 -6.74
CA LEU B 228 9.54 -30.13 -5.95
C LEU B 228 10.78 -29.41 -6.47
N HIS B 229 11.57 -30.06 -7.34
CA HIS B 229 12.63 -29.37 -8.07
C HIS B 229 12.14 -28.78 -9.38
N LEU B 230 11.19 -29.44 -10.03
CA LEU B 230 10.55 -28.88 -11.21
C LEU B 230 9.77 -27.61 -10.91
N THR B 231 9.14 -27.53 -9.72
CA THR B 231 8.42 -26.32 -9.37
C THR B 231 9.36 -25.16 -9.02
N GLN B 232 10.62 -25.44 -8.70
CA GLN B 232 11.59 -24.37 -8.53
C GLN B 232 12.19 -23.95 -9.86
N CYS B 233 12.47 -24.92 -10.72
CA CYS B 233 13.04 -24.64 -12.03
C CYS B 233 12.11 -23.83 -12.91
N MET B 234 10.81 -24.15 -12.92
CA MET B 234 9.86 -23.39 -13.75
C MET B 234 9.63 -21.97 -13.25
N SER B 235 9.49 -21.80 -11.93
CA SER B 235 9.33 -20.48 -11.33
C SER B 235 10.55 -19.60 -11.58
N LEU B 236 11.76 -20.13 -11.35
CA LEU B 236 12.95 -19.34 -11.58
C LEU B 236 13.21 -19.09 -13.05
N CYS B 237 12.79 -19.99 -13.94
CA CYS B 237 13.02 -19.76 -15.35
C CYS B 237 12.09 -18.68 -15.90
N VAL B 238 10.84 -18.63 -15.44
CA VAL B 238 9.95 -17.54 -15.82
C VAL B 238 10.47 -16.21 -15.27
N CYS B 239 10.92 -16.21 -14.01
CA CYS B 239 11.47 -15.02 -13.36
C CYS B 239 12.69 -14.49 -14.09
N TYR B 240 13.60 -15.36 -14.50
CA TYR B 240 14.81 -14.91 -15.15
C TYR B 240 14.59 -14.58 -16.62
N SER B 241 13.61 -15.23 -17.26
CA SER B 241 13.32 -14.92 -18.66
C SER B 241 12.67 -13.55 -18.82
N ALA B 242 11.84 -13.15 -17.85
CA ALA B 242 11.26 -11.81 -17.90
C ALA B 242 12.34 -10.72 -17.80
N SER B 243 13.41 -10.98 -17.05
CA SER B 243 14.48 -10.00 -16.91
C SER B 243 15.44 -10.06 -18.09
N ILE B 244 15.71 -11.25 -18.63
CA ILE B 244 16.67 -11.39 -19.72
C ILE B 244 16.08 -10.84 -21.02
N GLY B 245 14.82 -11.17 -21.32
CA GLY B 245 14.22 -10.80 -22.58
C GLY B 245 14.01 -9.30 -22.76
N GLY B 246 13.97 -8.54 -21.67
CA GLY B 246 13.76 -7.11 -21.77
C GLY B 246 14.94 -6.31 -22.25
N ILE B 247 16.14 -6.90 -22.30
CA ILE B 247 17.32 -6.14 -22.72
C ILE B 247 17.48 -6.07 -24.23
N ALA B 248 16.71 -6.84 -24.99
CA ALA B 248 16.95 -6.97 -26.42
C ALA B 248 16.46 -5.76 -27.21
N THR B 249 15.47 -5.04 -26.71
CA THR B 249 14.93 -3.88 -27.39
C THR B 249 15.19 -2.62 -26.56
N LEU B 250 15.18 -1.48 -27.26
CA LEU B 250 15.43 -0.20 -26.60
C LEU B 250 14.28 0.20 -25.70
N THR B 251 13.09 -0.32 -25.96
CA THR B 251 11.91 -0.03 -25.17
C THR B 251 11.53 -1.18 -24.24
N GLY B 252 12.41 -2.17 -24.09
CA GLY B 252 12.07 -3.33 -23.28
C GLY B 252 12.23 -3.07 -21.79
N THR B 253 13.34 -2.48 -21.40
CA THR B 253 13.55 -2.16 -20.00
C THR B 253 13.76 -0.65 -19.92
N ALA B 254 13.50 -0.06 -18.77
CA ALA B 254 13.59 1.39 -18.59
C ALA B 254 15.01 1.97 -18.59
N PRO B 255 16.06 1.35 -18.01
CA PRO B 255 17.42 1.89 -18.18
C PRO B 255 17.92 1.94 -19.61
N ASN B 256 17.39 1.11 -20.52
CA ASN B 256 17.71 1.21 -21.93
C ASN B 256 17.34 2.57 -22.49
N LEU B 257 16.24 3.16 -22.02
CA LEU B 257 15.91 4.50 -22.43
C LEU B 257 16.74 5.55 -21.70
N VAL B 258 17.12 5.27 -20.45
CA VAL B 258 17.90 6.20 -19.64
C VAL B 258 19.25 6.44 -20.29
N LEU B 259 19.87 5.38 -20.81
CA LEU B 259 21.13 5.51 -21.55
C LEU B 259 20.98 6.41 -22.77
N GLN B 260 19.86 6.28 -23.50
CA GLN B 260 19.66 7.13 -24.66
C GLN B 260 19.43 8.57 -24.26
N GLY B 261 18.80 8.79 -23.11
CA GLY B 261 18.67 10.15 -22.60
C GLY B 261 20.00 10.73 -22.17
N GLN B 262 20.89 9.89 -21.62
CA GLN B 262 22.16 10.40 -21.16
C GLN B 262 23.09 10.68 -22.33
N ILE B 263 23.10 9.79 -23.33
CA ILE B 263 23.91 9.98 -24.53
C ILE B 263 23.45 11.22 -25.28
N ASN B 264 22.14 11.49 -25.28
CA ASN B 264 21.65 12.71 -25.91
C ASN B 264 21.95 13.96 -25.07
N SER B 265 22.06 13.83 -23.74
CA SER B 265 22.26 15.05 -22.96
C SER B 265 23.72 15.37 -22.74
N LEU B 266 24.54 14.37 -22.40
CA LEU B 266 25.95 14.61 -22.11
C LEU B 266 26.74 14.86 -23.38
N PHE B 267 26.40 14.18 -24.48
CA PHE B 267 27.10 14.32 -25.75
C PHE B 267 26.10 14.70 -26.84
N PRO B 268 25.80 15.98 -27.01
CA PRO B 268 25.16 16.43 -28.25
C PRO B 268 26.17 16.38 -29.39
N GLN B 269 25.66 16.63 -30.60
CA GLN B 269 26.33 16.42 -31.90
C GLN B 269 26.69 14.95 -32.13
N ASN B 270 26.05 14.01 -31.43
CA ASN B 270 26.39 12.59 -31.58
C ASN B 270 25.70 11.94 -32.77
N GLY B 271 24.62 12.54 -33.29
CA GLY B 271 24.01 12.06 -34.50
C GLY B 271 23.13 10.84 -34.34
N ASN B 272 22.50 10.69 -33.17
CA ASN B 272 21.61 9.56 -32.82
C ASN B 272 22.32 8.21 -33.00
N VAL B 273 23.37 8.02 -32.21
CA VAL B 273 24.17 6.80 -32.32
C VAL B 273 23.46 5.62 -31.67
N VAL B 274 22.57 5.88 -30.72
CA VAL B 274 21.81 4.85 -30.04
C VAL B 274 20.35 5.02 -30.46
N ASN B 275 19.87 4.10 -31.30
CA ASN B 275 18.50 4.10 -31.79
C ASN B 275 17.97 2.68 -31.70
N PHE B 276 16.82 2.43 -32.32
CA PHE B 276 16.19 1.12 -32.22
C PHE B 276 16.95 0.04 -32.98
N ALA B 277 17.43 0.35 -34.17
CA ALA B 277 18.06 -0.66 -35.02
C ALA B 277 19.43 -1.08 -34.50
N SER B 278 20.26 -0.12 -34.10
CA SER B 278 21.58 -0.44 -33.59
C SER B 278 21.53 -1.10 -32.21
N TRP B 279 20.60 -0.69 -31.34
CA TRP B 279 20.43 -1.39 -30.07
C TRP B 279 19.93 -2.81 -30.28
N PHE B 280 19.03 -3.02 -31.24
CA PHE B 280 18.57 -4.38 -31.53
C PHE B 280 19.70 -5.24 -32.07
N SER B 281 20.47 -4.72 -33.03
CA SER B 281 21.60 -5.43 -33.62
C SER B 281 22.70 -5.73 -32.61
N PHE B 282 22.83 -4.91 -31.57
CA PHE B 282 23.80 -5.19 -30.51
C PHE B 282 23.27 -6.14 -29.44
N ALA B 283 22.02 -5.98 -29.01
CA ALA B 283 21.55 -6.64 -27.79
C ALA B 283 20.67 -7.86 -28.03
N PHE B 284 20.27 -8.17 -29.26
CA PHE B 284 19.52 -9.39 -29.49
C PHE B 284 20.36 -10.68 -29.40
N PRO B 285 21.57 -10.79 -29.99
CA PRO B 285 22.33 -12.03 -29.79
C PRO B 285 22.82 -12.21 -28.36
N THR B 286 23.11 -11.11 -27.65
CA THR B 286 23.39 -11.16 -26.22
C THR B 286 22.24 -11.79 -25.44
N MET B 287 21.01 -11.39 -25.75
CA MET B 287 19.83 -11.95 -25.10
C MET B 287 19.66 -13.43 -25.43
N VAL B 288 19.89 -13.81 -26.69
CA VAL B 288 19.70 -15.21 -27.08
C VAL B 288 20.73 -16.12 -26.41
N ILE B 289 22.00 -15.70 -26.41
CA ILE B 289 23.07 -16.49 -25.79
C ILE B 289 22.87 -16.59 -24.28
N LEU B 290 22.49 -15.47 -23.64
CA LEU B 290 22.26 -15.49 -22.20
C LEU B 290 21.03 -16.32 -21.83
N LEU B 291 19.99 -16.32 -22.66
CA LEU B 291 18.80 -17.13 -22.38
C LEU B 291 19.08 -18.62 -22.53
N LEU B 292 19.84 -19.03 -23.55
CA LEU B 292 20.20 -20.44 -23.69
C LEU B 292 21.13 -20.92 -22.58
N LEU B 293 22.09 -20.09 -22.17
CA LEU B 293 22.95 -20.46 -21.06
C LEU B 293 22.21 -20.51 -19.73
N ALA B 294 21.23 -19.62 -19.51
CA ALA B 294 20.40 -19.69 -18.32
C ALA B 294 19.52 -20.93 -18.30
N TRP B 295 19.00 -21.33 -19.47
CA TRP B 295 18.24 -22.58 -19.56
C TRP B 295 19.10 -23.79 -19.22
N LEU B 296 20.32 -23.84 -19.77
CA LEU B 296 21.22 -24.95 -19.47
C LEU B 296 21.64 -24.99 -18.00
N TRP B 297 21.89 -23.83 -17.39
CA TRP B 297 22.31 -23.81 -16.01
C TRP B 297 21.18 -24.15 -15.05
N LEU B 298 19.96 -23.68 -15.33
CA LEU B 298 18.83 -24.06 -14.48
C LEU B 298 18.44 -25.52 -14.68
N GLN B 299 18.67 -26.07 -15.87
CA GLN B 299 18.44 -27.49 -16.09
C GLN B 299 19.48 -28.34 -15.39
N ILE B 300 20.72 -27.87 -15.31
CA ILE B 300 21.76 -28.62 -14.61
C ILE B 300 21.56 -28.56 -13.10
N LEU B 301 21.19 -27.39 -12.58
CA LEU B 301 21.17 -27.16 -11.13
C LEU B 301 20.02 -27.88 -10.43
N PHE B 302 18.81 -27.80 -10.95
CA PHE B 302 17.64 -28.36 -10.29
C PHE B 302 17.29 -29.76 -10.76
N LEU B 303 17.45 -30.02 -12.05
CA LEU B 303 17.30 -31.36 -12.60
C LEU B 303 18.68 -32.02 -12.55
N GLY B 304 18.88 -33.14 -13.24
CA GLY B 304 20.13 -33.85 -13.16
C GLY B 304 21.14 -33.44 -14.22
N PHE B 305 22.27 -34.13 -14.20
CA PHE B 305 23.26 -34.10 -15.28
C PHE B 305 22.96 -35.12 -16.36
N ASN B 306 21.76 -35.71 -16.36
CA ASN B 306 21.50 -36.90 -17.16
C ASN B 306 21.32 -36.56 -18.64
N PHE B 307 20.47 -35.58 -18.93
CA PHE B 307 20.10 -35.05 -20.25
C PHE B 307 19.34 -36.03 -21.12
N ARG B 308 19.09 -37.25 -20.66
CA ARG B 308 18.14 -38.16 -21.29
C ARG B 308 16.90 -38.38 -20.45
N LYS B 309 17.04 -38.38 -19.14
CA LYS B 309 15.89 -38.27 -18.26
C LYS B 309 15.27 -36.88 -18.34
N ASN B 310 16.08 -35.86 -18.58
CA ASN B 310 15.57 -34.50 -18.68
C ASN B 310 14.78 -34.28 -19.96
N PHE B 311 15.11 -35.01 -21.02
CA PHE B 311 14.43 -34.91 -22.30
C PHE B 311 13.50 -36.08 -22.56
N GLY B 312 13.40 -37.03 -21.63
CA GLY B 312 12.50 -38.16 -21.76
C GLY B 312 12.86 -39.12 -22.89
N ILE B 313 14.14 -39.46 -23.01
CA ILE B 313 14.64 -40.32 -24.07
C ILE B 313 14.92 -41.70 -23.49
N GLY B 314 14.38 -42.72 -24.13
CA GLY B 314 14.57 -44.09 -23.70
C GLY B 314 13.31 -44.67 -23.08
N GLU B 315 13.21 -45.99 -23.15
CA GLU B 315 12.09 -46.67 -22.51
C GLU B 315 12.29 -46.72 -21.00
N LYS B 316 11.17 -47.03 -20.30
CA LYS B 316 10.84 -46.89 -18.87
C LYS B 316 10.55 -45.42 -18.55
N MET B 317 10.72 -44.56 -19.55
CA MET B 317 10.41 -43.13 -19.52
C MET B 317 9.34 -42.76 -20.53
N GLN B 318 9.35 -43.40 -21.70
CA GLN B 318 8.28 -43.18 -22.68
C GLN B 318 6.96 -43.77 -22.22
N GLU B 319 7.00 -44.83 -21.40
CA GLU B 319 5.77 -45.48 -20.95
C GLU B 319 4.99 -44.57 -19.99
N GLN B 320 5.66 -44.04 -18.97
CA GLN B 320 5.03 -43.09 -18.06
C GLN B 320 4.63 -41.80 -18.76
N GLN B 321 5.37 -41.37 -19.79
CA GLN B 321 5.01 -40.17 -20.51
C GLN B 321 3.80 -40.35 -21.41
N GLN B 322 3.67 -41.48 -22.09
CA GLN B 322 2.44 -41.76 -22.83
C GLN B 322 1.25 -42.00 -21.92
N ALA B 323 1.46 -42.58 -20.74
CA ALA B 323 0.36 -42.71 -19.77
C ALA B 323 -0.10 -41.35 -19.27
N ALA B 324 0.85 -40.46 -18.94
CA ALA B 324 0.47 -39.11 -18.52
C ALA B 324 -0.18 -38.32 -19.63
N TYR B 325 0.26 -38.53 -20.89
CA TYR B 325 -0.35 -37.85 -22.01
C TYR B 325 -1.78 -38.32 -22.28
N CYS B 326 -2.06 -39.62 -22.15
CA CYS B 326 -3.45 -40.04 -22.34
C CYS B 326 -4.33 -39.67 -21.15
N VAL B 327 -3.77 -39.58 -19.94
CA VAL B 327 -4.54 -39.08 -18.80
C VAL B 327 -4.91 -37.61 -19.02
N ILE B 328 -3.96 -36.80 -19.52
CA ILE B 328 -4.23 -35.41 -19.87
C ILE B 328 -5.26 -35.29 -20.98
N GLN B 329 -5.20 -36.19 -21.98
CA GLN B 329 -6.18 -36.20 -23.06
C GLN B 329 -7.59 -36.46 -22.54
N THR B 330 -7.76 -37.44 -21.66
CA THR B 330 -9.09 -37.74 -21.15
C THR B 330 -9.61 -36.66 -20.21
N GLU B 331 -8.77 -36.12 -19.32
CA GLU B 331 -9.30 -35.09 -18.43
C GLU B 331 -9.45 -33.75 -19.11
N HIS B 332 -8.87 -33.57 -20.29
CA HIS B 332 -9.21 -32.41 -21.11
C HIS B 332 -10.49 -32.64 -21.91
N ARG B 333 -10.73 -33.87 -22.37
CA ARG B 333 -11.96 -34.20 -23.07
C ARG B 333 -13.18 -34.13 -22.17
N LEU B 334 -13.03 -34.35 -20.87
CA LEU B 334 -14.15 -34.31 -19.95
C LEU B 334 -14.36 -32.94 -19.30
N LEU B 335 -14.08 -31.85 -20.04
CA LEU B 335 -14.34 -30.50 -19.57
C LEU B 335 -15.60 -29.89 -20.15
N GLY B 336 -15.93 -30.18 -21.41
CA GLY B 336 -17.15 -29.69 -22.01
C GLY B 336 -17.00 -28.33 -22.66
N PRO B 337 -18.12 -27.71 -23.01
CA PRO B 337 -18.07 -26.38 -23.61
C PRO B 337 -17.77 -25.30 -22.57
N MET B 338 -17.30 -24.16 -23.08
CA MET B 338 -16.99 -23.05 -22.20
C MET B 338 -18.26 -22.41 -21.67
N THR B 339 -18.23 -22.02 -20.40
CA THR B 339 -19.36 -21.30 -19.81
C THR B 339 -19.28 -19.83 -20.19
N PHE B 340 -20.26 -19.06 -19.72
CA PHE B 340 -20.31 -17.63 -20.01
C PHE B 340 -19.14 -16.89 -19.35
N ALA B 341 -18.82 -17.26 -18.11
CA ALA B 341 -17.75 -16.62 -17.37
C ALA B 341 -16.39 -16.87 -17.99
N GLU B 342 -16.17 -18.09 -18.49
CA GLU B 342 -14.90 -18.41 -19.16
C GLU B 342 -14.71 -17.61 -20.44
N LYS B 343 -15.77 -17.46 -21.24
CA LYS B 343 -15.70 -16.68 -22.46
C LYS B 343 -15.46 -15.20 -22.16
N ALA B 344 -16.16 -14.65 -21.17
CA ALA B 344 -15.97 -13.26 -20.78
C ALA B 344 -14.56 -12.99 -20.27
N ILE B 345 -14.03 -13.88 -19.43
CA ILE B 345 -12.69 -13.69 -18.87
C ILE B 345 -11.62 -13.89 -19.94
N SER B 346 -11.84 -14.79 -20.90
CA SER B 346 -10.89 -14.96 -21.99
C SER B 346 -10.84 -13.75 -22.91
N ILE B 347 -11.99 -13.17 -23.23
CA ILE B 347 -12.03 -11.95 -24.03
C ILE B 347 -11.35 -10.78 -23.29
N LEU B 348 -11.59 -10.65 -21.99
CA LEU B 348 -10.96 -9.58 -21.21
C LEU B 348 -9.45 -9.77 -21.08
N PHE B 349 -8.98 -11.03 -21.02
CA PHE B 349 -7.54 -11.29 -20.96
C PHE B 349 -6.85 -10.91 -22.26
N VAL B 350 -7.46 -11.29 -23.39
CA VAL B 350 -6.93 -10.92 -24.71
C VAL B 350 -6.91 -9.41 -24.88
N ILE B 351 -7.98 -8.73 -24.45
CA ILE B 351 -8.06 -7.27 -24.56
C ILE B 351 -6.99 -6.60 -23.68
N LEU B 352 -6.74 -7.16 -22.49
CA LEU B 352 -5.72 -6.59 -21.61
C LEU B 352 -4.31 -6.71 -22.20
N VAL B 353 -3.98 -7.86 -22.79
CA VAL B 353 -2.65 -8.01 -23.39
C VAL B 353 -2.50 -7.14 -24.65
N LEU B 354 -3.55 -7.01 -25.45
CA LEU B 354 -3.48 -6.14 -26.62
C LEU B 354 -3.40 -4.66 -26.23
N LEU B 355 -4.02 -4.26 -25.13
CA LEU B 355 -3.86 -2.89 -24.66
C LEU B 355 -2.49 -2.66 -24.06
N TRP B 356 -1.88 -3.69 -23.48
CA TRP B 356 -0.51 -3.57 -23.00
C TRP B 356 0.48 -3.43 -24.15
N PHE B 357 0.21 -4.08 -25.28
CA PHE B 357 1.13 -4.02 -26.42
C PHE B 357 1.20 -2.63 -27.04
N THR B 358 0.06 -2.00 -27.25
CA THR B 358 -0.03 -0.82 -28.11
C THR B 358 -0.12 0.50 -27.34
N ARG B 359 0.16 0.51 -26.04
CA ARG B 359 -0.01 1.72 -25.25
C ARG B 359 1.08 2.73 -25.53
N GLU B 360 2.33 2.30 -25.48
CA GLU B 360 3.48 3.17 -25.71
C GLU B 360 4.62 2.34 -26.26
N PRO B 361 4.59 2.02 -27.56
CA PRO B 361 5.53 1.04 -28.10
C PRO B 361 6.92 1.60 -28.32
N GLY B 362 7.01 2.89 -28.65
CA GLY B 362 8.30 3.53 -28.82
C GLY B 362 8.73 3.65 -30.27
N PHE B 363 8.53 2.60 -31.04
CA PHE B 363 8.88 2.63 -32.46
C PHE B 363 7.69 3.03 -33.34
N PHE B 364 6.49 3.13 -32.80
CA PHE B 364 5.41 3.88 -33.42
C PHE B 364 4.61 4.55 -32.31
N LEU B 365 3.56 5.26 -32.70
CA LEU B 365 2.83 6.13 -31.78
C LEU B 365 1.60 5.38 -31.27
N GLY B 366 1.53 5.17 -29.96
CA GLY B 366 0.49 4.35 -29.38
C GLY B 366 -0.73 5.17 -28.98
N TRP B 367 -1.71 4.47 -28.41
CA TRP B 367 -2.91 5.15 -27.95
C TRP B 367 -2.67 5.96 -26.68
N GLY B 368 -1.60 5.68 -25.94
CA GLY B 368 -1.26 6.50 -24.79
C GLY B 368 -0.62 7.82 -25.15
N ASN B 369 -0.09 7.95 -26.37
CA ASN B 369 0.42 9.22 -26.84
C ASN B 369 -0.61 10.01 -27.63
N LEU B 370 -1.51 9.33 -28.33
CA LEU B 370 -2.58 10.02 -29.05
C LEU B 370 -3.62 10.57 -28.11
N ALA B 371 -4.29 9.70 -27.35
CA ALA B 371 -5.12 10.11 -26.24
C ALA B 371 -4.27 10.16 -24.99
N PHE B 372 -4.58 11.13 -24.13
CA PHE B 372 -3.87 11.37 -22.88
C PHE B 372 -2.35 11.55 -22.98
N PRO B 373 -1.85 12.61 -23.66
CA PRO B 373 -0.43 12.94 -23.50
C PRO B 373 -0.18 14.01 -22.44
N ASN B 374 1.04 14.11 -21.92
CA ASN B 374 1.44 15.22 -21.07
C ASN B 374 2.08 16.31 -21.94
N ALA B 375 2.75 17.27 -21.29
CA ALA B 375 3.39 18.36 -22.03
C ALA B 375 4.60 17.89 -22.83
N LYS B 376 5.25 16.82 -22.39
CA LYS B 376 6.37 16.25 -23.14
C LYS B 376 5.94 15.22 -24.17
N GLY B 377 4.65 14.94 -24.28
CA GLY B 377 4.15 13.98 -25.25
C GLY B 377 4.09 12.54 -24.77
N GLU B 378 4.60 12.25 -23.57
CA GLU B 378 4.54 10.90 -23.02
C GLU B 378 3.13 10.59 -22.54
N SER B 379 2.89 9.32 -22.25
CA SER B 379 1.57 8.89 -21.82
C SER B 379 1.39 9.14 -20.32
N MET B 380 0.25 9.69 -19.95
CA MET B 380 -0.11 9.83 -18.55
C MET B 380 -0.74 8.56 -17.98
N VAL B 381 -1.05 7.60 -18.83
CA VAL B 381 -1.66 6.32 -18.45
C VAL B 381 -0.58 5.26 -18.58
N SER B 382 -0.45 4.40 -17.56
CA SER B 382 0.57 3.35 -17.53
C SER B 382 -0.08 1.99 -17.69
N ASP B 383 0.75 0.95 -17.56
CA ASP B 383 0.27 -0.43 -17.67
C ASP B 383 -0.58 -0.82 -16.46
N GLY B 384 -0.20 -0.35 -15.27
CA GLY B 384 -0.98 -0.57 -14.08
C GLY B 384 -2.36 0.06 -14.13
N THR B 385 -2.52 1.17 -14.85
CA THR B 385 -3.83 1.76 -15.06
C THR B 385 -4.74 0.84 -15.85
N VAL B 386 -4.19 0.22 -16.91
CA VAL B 386 -4.95 -0.73 -17.72
C VAL B 386 -5.30 -1.98 -16.92
N ALA B 387 -4.38 -2.45 -16.07
CA ALA B 387 -4.64 -3.62 -15.24
C ALA B 387 -5.73 -3.35 -14.20
N ILE B 388 -5.68 -2.20 -13.53
CA ILE B 388 -6.70 -1.82 -12.56
C ILE B 388 -8.04 -1.59 -13.26
N PHE B 389 -8.02 -1.07 -14.49
CA PHE B 389 -9.24 -0.87 -15.27
C PHE B 389 -9.95 -2.19 -15.60
N ILE B 390 -9.18 -3.18 -16.07
CA ILE B 390 -9.76 -4.49 -16.39
C ILE B 390 -10.23 -5.20 -15.12
N GLY B 391 -9.45 -5.07 -14.03
CA GLY B 391 -9.86 -5.67 -12.76
C GLY B 391 -11.09 -5.03 -12.15
N ILE B 392 -11.32 -3.74 -12.40
CA ILE B 392 -12.54 -3.08 -11.94
C ILE B 392 -13.73 -3.53 -12.79
N ILE B 393 -13.53 -3.67 -14.10
CA ILE B 393 -14.59 -4.16 -14.99
C ILE B 393 -14.99 -5.60 -14.63
N MET B 394 -14.07 -6.41 -14.11
CA MET B 394 -14.41 -7.77 -13.69
C MET B 394 -15.36 -7.82 -12.50
N PHE B 395 -15.49 -6.74 -11.72
CA PHE B 395 -16.48 -6.69 -10.64
C PHE B 395 -17.88 -6.34 -11.14
N ILE B 396 -18.02 -5.88 -12.38
CA ILE B 396 -19.25 -5.30 -12.89
C ILE B 396 -19.97 -6.29 -13.80
N ILE B 397 -19.23 -7.12 -14.50
CA ILE B 397 -19.84 -8.07 -15.44
C ILE B 397 -20.42 -9.24 -14.66
N PRO B 398 -21.67 -9.63 -14.89
CA PRO B 398 -22.23 -10.78 -14.19
C PRO B 398 -21.62 -12.09 -14.64
N SER B 399 -21.67 -13.08 -13.76
CA SER B 399 -21.09 -14.39 -14.08
C SER B 399 -22.05 -15.25 -14.89
N LYS B 400 -23.35 -15.07 -14.73
CA LYS B 400 -24.37 -15.58 -15.63
C LYS B 400 -25.26 -14.42 -16.00
N PHE B 401 -25.73 -14.38 -17.24
CA PHE B 401 -26.60 -13.26 -17.56
C PHE B 401 -28.04 -13.47 -17.06
N PRO B 402 -28.77 -14.58 -17.38
CA PRO B 402 -30.16 -14.65 -16.87
C PRO B 402 -30.25 -15.29 -15.50
N GLY B 403 -29.13 -15.36 -14.77
CA GLY B 403 -29.06 -16.15 -13.55
C GLY B 403 -29.78 -15.56 -12.35
N LEU B 404 -31.11 -15.52 -12.41
CA LEU B 404 -31.94 -15.00 -11.33
C LEU B 404 -32.36 -16.17 -10.44
N THR B 405 -31.68 -16.32 -9.31
CA THR B 405 -31.98 -17.38 -8.36
C THR B 405 -32.88 -16.84 -7.25
N GLN B 406 -33.07 -17.65 -6.20
CA GLN B 406 -33.87 -17.28 -5.04
C GLN B 406 -32.99 -17.33 -3.81
N ASP B 407 -33.10 -16.30 -2.98
CA ASP B 407 -32.25 -16.13 -1.81
C ASP B 407 -32.78 -16.92 -0.62
N PRO B 408 -31.89 -17.33 0.31
CA PRO B 408 -32.36 -18.00 1.53
C PRO B 408 -33.14 -17.08 2.47
N GLU B 409 -33.02 -15.77 2.31
CA GLU B 409 -33.89 -14.78 2.93
C GLU B 409 -35.18 -14.63 2.12
N ASN B 410 -35.88 -13.49 2.30
CA ASN B 410 -37.27 -13.16 2.01
C ASN B 410 -37.86 -13.81 0.76
N PRO B 411 -38.98 -14.55 0.88
CA PRO B 411 -39.53 -15.34 -0.23
C PRO B 411 -40.41 -14.55 -1.19
N GLY B 412 -39.94 -13.38 -1.60
CA GLY B 412 -40.61 -12.59 -2.61
C GLY B 412 -39.58 -11.88 -3.46
N LYS B 413 -38.34 -12.33 -3.33
CA LYS B 413 -37.18 -11.71 -3.96
C LYS B 413 -36.63 -12.63 -5.04
N LEU B 414 -36.11 -12.03 -6.09
CA LEU B 414 -35.18 -12.73 -6.98
C LEU B 414 -33.76 -12.42 -6.49
N LYS B 415 -32.75 -12.80 -7.26
CA LYS B 415 -31.38 -12.56 -6.84
C LYS B 415 -30.50 -12.39 -8.05
N ALA B 416 -29.76 -11.29 -8.09
CA ALA B 416 -28.77 -11.09 -9.14
C ALA B 416 -27.57 -12.00 -8.91
N PRO B 417 -26.90 -12.43 -9.97
CA PRO B 417 -25.68 -13.23 -9.79
C PRO B 417 -24.54 -12.38 -9.24
N LEU B 418 -23.52 -13.07 -8.75
CA LEU B 418 -22.30 -12.38 -8.41
C LEU B 418 -21.54 -12.01 -9.68
N GLY B 419 -20.57 -11.12 -9.54
CA GLY B 419 -19.72 -10.77 -10.65
C GLY B 419 -18.69 -11.84 -10.94
N LEU B 420 -17.83 -11.55 -11.91
CA LEU B 420 -16.67 -12.40 -12.14
C LEU B 420 -15.67 -12.33 -11.00
N LEU B 421 -15.69 -11.25 -10.22
CA LEU B 421 -14.97 -11.14 -8.97
C LEU B 421 -15.91 -10.62 -7.90
N ASP B 422 -15.85 -11.22 -6.72
CA ASP B 422 -16.35 -10.60 -5.51
C ASP B 422 -15.17 -10.35 -4.58
N TRP B 423 -15.41 -9.58 -3.52
CA TRP B 423 -14.31 -9.17 -2.67
C TRP B 423 -13.78 -10.30 -1.79
N LYS B 424 -14.63 -11.24 -1.36
CA LYS B 424 -14.16 -12.29 -0.47
C LYS B 424 -13.25 -13.30 -1.16
N THR B 425 -13.45 -13.57 -2.46
CA THR B 425 -12.49 -14.38 -3.20
C THR B 425 -11.14 -13.67 -3.32
N VAL B 426 -11.18 -12.36 -3.58
CA VAL B 426 -9.96 -11.56 -3.71
C VAL B 426 -9.20 -11.52 -2.40
N ASN B 427 -9.90 -11.32 -1.28
CA ASN B 427 -9.27 -11.33 0.03
C ASN B 427 -8.71 -12.69 0.40
N GLN B 428 -9.36 -13.77 -0.03
CA GLN B 428 -8.79 -15.09 0.23
C GLN B 428 -7.59 -15.40 -0.65
N LYS B 429 -7.51 -14.82 -1.85
CA LYS B 429 -6.54 -15.27 -2.84
C LYS B 429 -5.41 -14.30 -3.13
N MET B 430 -5.49 -13.05 -2.68
CA MET B 430 -4.45 -12.08 -3.02
C MET B 430 -3.20 -12.31 -2.18
N PRO B 431 -2.01 -12.32 -2.80
CA PRO B 431 -0.77 -12.34 -2.01
C PRO B 431 -0.36 -10.95 -1.54
N TRP B 432 -0.89 -10.53 -0.38
CA TRP B 432 -0.58 -9.21 0.16
C TRP B 432 0.84 -9.09 0.65
N ASN B 433 1.46 -10.21 1.03
CA ASN B 433 2.87 -10.23 1.41
C ASN B 433 3.79 -9.87 0.25
N ILE B 434 3.38 -10.15 -0.99
CA ILE B 434 4.20 -9.77 -2.14
C ILE B 434 4.08 -8.28 -2.43
N VAL B 435 2.91 -7.70 -2.17
CA VAL B 435 2.74 -6.24 -2.22
C VAL B 435 3.66 -5.57 -1.20
N LEU B 436 3.68 -6.08 0.04
CA LEU B 436 4.56 -5.52 1.05
C LEU B 436 6.04 -5.76 0.74
N LEU B 437 6.38 -6.89 0.12
CA LEU B 437 7.75 -7.18 -0.26
C LEU B 437 8.26 -6.24 -1.35
N LEU B 438 7.42 -5.98 -2.37
CA LEU B 438 7.76 -5.01 -3.40
C LEU B 438 7.92 -3.61 -2.82
N GLY B 439 7.03 -3.22 -1.91
CA GLY B 439 7.16 -1.92 -1.27
C GLY B 439 8.40 -1.76 -0.41
N GLY B 440 8.75 -2.78 0.36
CA GLY B 440 9.99 -2.75 1.12
C GLY B 440 11.23 -2.70 0.27
N GLY B 441 11.21 -3.37 -0.90
CA GLY B 441 12.29 -3.19 -1.86
C GLY B 441 12.42 -1.79 -2.41
N TYR B 442 11.29 -1.15 -2.75
CA TYR B 442 11.34 0.23 -3.21
C TYR B 442 11.84 1.19 -2.12
N ALA B 443 11.46 0.95 -0.87
CA ALA B 443 11.91 1.79 0.23
C ALA B 443 13.40 1.63 0.51
N LEU B 444 13.93 0.39 0.45
CA LEU B 444 15.36 0.18 0.59
C LEU B 444 16.15 0.83 -0.55
N ALA B 445 15.63 0.74 -1.77
CA ALA B 445 16.26 1.40 -2.91
C ALA B 445 16.23 2.93 -2.79
N LYS B 446 15.16 3.49 -2.22
CA LYS B 446 15.12 4.94 -2.02
C LYS B 446 16.05 5.39 -0.92
N GLY B 447 16.16 4.61 0.16
CA GLY B 447 17.10 4.91 1.22
C GLY B 447 18.55 4.83 0.80
N SER B 448 18.87 3.95 -0.15
CA SER B 448 20.23 3.88 -0.67
C SER B 448 20.62 5.12 -1.47
N GLU B 449 19.67 5.80 -2.11
CA GLU B 449 19.96 7.06 -2.78
C GLU B 449 19.95 8.24 -1.84
N ARG B 450 19.07 8.22 -0.83
CA ARG B 450 19.01 9.34 0.11
C ARG B 450 20.16 9.35 1.10
N SER B 451 20.76 8.19 1.38
CA SER B 451 21.89 8.16 2.31
C SER B 451 23.20 8.55 1.67
N GLY B 452 23.39 8.25 0.38
CA GLY B 452 24.61 8.52 -0.32
C GLY B 452 25.48 7.30 -0.64
N LEU B 453 24.92 6.09 -0.58
CA LEU B 453 25.69 4.91 -0.97
C LEU B 453 25.97 4.87 -2.46
N SER B 454 25.00 5.27 -3.28
CA SER B 454 25.17 5.18 -4.72
C SER B 454 26.17 6.20 -5.23
N GLU B 455 26.17 7.40 -4.66
CA GLU B 455 27.18 8.39 -4.98
C GLU B 455 28.56 7.98 -4.47
N TRP B 456 28.62 7.26 -3.36
CA TRP B 456 29.90 6.83 -2.81
C TRP B 456 30.50 5.70 -3.64
N LEU B 457 29.69 4.71 -4.01
CA LEU B 457 30.18 3.60 -4.83
C LEU B 457 30.37 3.99 -6.28
N GLY B 458 29.68 5.02 -6.76
CA GLY B 458 29.93 5.49 -8.11
C GLY B 458 31.28 6.16 -8.26
N ASN B 459 31.73 6.87 -7.23
CA ASN B 459 33.02 7.56 -7.26
C ASN B 459 34.19 6.63 -6.97
N LYS B 460 33.94 5.35 -6.73
CA LYS B 460 35.00 4.35 -6.67
C LYS B 460 35.33 3.77 -8.03
N LEU B 461 34.50 4.04 -9.05
CA LEU B 461 34.77 3.62 -10.41
C LEU B 461 35.77 4.53 -11.11
N THR B 462 35.98 5.72 -10.58
CA THR B 462 36.92 6.67 -11.18
C THR B 462 38.39 6.24 -11.16
N PRO B 463 38.98 5.67 -10.04
CA PRO B 463 40.40 5.30 -10.11
C PRO B 463 40.69 3.99 -10.84
N LEU B 464 39.73 3.48 -11.63
CA LEU B 464 39.97 2.34 -12.50
C LEU B 464 40.66 2.70 -13.80
N GLN B 465 41.10 3.95 -13.96
CA GLN B 465 41.76 4.39 -15.18
C GLN B 465 43.13 3.76 -15.37
N SER B 466 43.79 3.30 -14.30
CA SER B 466 45.08 2.63 -14.42
C SER B 466 44.89 1.11 -14.54
N VAL B 467 44.00 0.71 -15.44
CA VAL B 467 43.67 -0.66 -15.77
C VAL B 467 43.56 -0.66 -17.29
N PRO B 468 43.98 -1.72 -17.99
CA PRO B 468 43.68 -1.81 -19.44
C PRO B 468 42.19 -1.88 -19.71
N ALA B 469 41.80 -1.36 -20.88
CA ALA B 469 40.39 -1.10 -21.18
C ALA B 469 39.48 -2.33 -21.28
N PRO B 470 39.89 -3.51 -21.77
CA PRO B 470 38.97 -4.67 -21.69
C PRO B 470 38.68 -5.15 -20.29
N ALA B 471 39.51 -4.82 -19.30
CA ALA B 471 39.27 -5.23 -17.92
C ALA B 471 38.45 -4.21 -17.13
N ILE B 472 38.46 -2.94 -17.54
CA ILE B 472 37.62 -1.92 -16.92
C ILE B 472 36.16 -2.27 -17.06
N ALA B 473 35.75 -2.73 -18.26
CA ALA B 473 34.36 -3.10 -18.50
C ALA B 473 33.94 -4.32 -17.70
N ILE B 474 34.84 -5.29 -17.52
CA ILE B 474 34.52 -6.49 -16.77
C ILE B 474 34.40 -6.19 -15.27
N ILE B 475 35.32 -5.38 -14.73
CA ILE B 475 35.26 -5.00 -13.32
C ILE B 475 34.03 -4.14 -13.05
N LEU B 476 33.73 -3.21 -13.96
CA LEU B 476 32.56 -2.35 -13.83
C LEU B 476 31.26 -3.15 -13.92
N SER B 477 31.21 -4.14 -14.83
CA SER B 477 30.02 -4.98 -14.96
C SER B 477 29.83 -5.86 -13.73
N LEU B 478 30.91 -6.36 -13.14
CA LEU B 478 30.81 -7.12 -11.90
C LEU B 478 30.29 -6.25 -10.75
N LEU B 479 30.80 -5.01 -10.64
CA LEU B 479 30.37 -4.11 -9.58
C LEU B 479 28.91 -3.69 -9.76
N VAL B 480 28.48 -3.42 -10.98
CA VAL B 480 27.10 -2.99 -11.22
C VAL B 480 26.14 -4.15 -11.06
N ALA B 481 26.54 -5.36 -11.48
CA ALA B 481 25.71 -6.54 -11.28
C ALA B 481 25.63 -6.97 -9.82
N THR B 482 26.64 -6.62 -9.01
CA THR B 482 26.53 -6.86 -7.58
C THR B 482 25.66 -5.80 -6.90
N PHE B 483 25.85 -4.53 -7.26
CA PHE B 483 25.12 -3.44 -6.62
C PHE B 483 23.65 -3.38 -7.01
N THR B 484 23.28 -3.90 -8.18
CA THR B 484 21.90 -3.81 -8.62
C THR B 484 20.97 -4.78 -7.89
N GLU B 485 21.51 -5.67 -7.06
CA GLU B 485 20.67 -6.53 -6.22
C GLU B 485 20.02 -5.76 -5.08
N CYS B 486 20.61 -4.65 -4.68
CA CYS B 486 20.12 -3.87 -3.54
C CYS B 486 19.31 -2.65 -3.95
N THR B 487 19.51 -2.13 -5.15
CA THR B 487 19.00 -0.82 -5.54
C THR B 487 18.08 -0.95 -6.76
N SER B 488 17.66 0.20 -7.26
CA SER B 488 16.84 0.28 -8.46
C SER B 488 17.74 0.35 -9.69
N ASN B 489 17.21 -0.13 -10.83
CA ASN B 489 17.98 -0.14 -12.06
C ASN B 489 18.10 1.26 -12.65
N VAL B 490 16.99 2.00 -12.67
CA VAL B 490 16.95 3.35 -13.23
C VAL B 490 17.82 4.32 -12.45
N ALA B 491 17.77 4.27 -11.11
CA ALA B 491 18.58 5.15 -10.29
C ALA B 491 20.07 4.83 -10.39
N THR B 492 20.42 3.54 -10.43
CA THR B 492 21.82 3.15 -10.59
C THR B 492 22.38 3.58 -11.93
N THR B 493 21.58 3.42 -13.00
CA THR B 493 21.99 3.88 -14.32
C THR B 493 22.17 5.39 -14.36
N THR B 494 21.18 6.13 -13.81
CA THR B 494 21.20 7.59 -13.82
C THR B 494 22.38 8.16 -13.03
N ILE B 495 22.75 7.53 -11.92
CA ILE B 495 23.89 7.98 -11.15
C ILE B 495 25.21 7.54 -11.77
N PHE B 496 25.29 6.34 -12.34
CA PHE B 496 26.57 5.78 -12.71
C PHE B 496 27.03 6.21 -14.09
N LEU B 497 26.12 6.59 -15.00
CA LEU B 497 26.54 6.94 -16.36
C LEU B 497 27.32 8.26 -16.53
N PRO B 498 26.98 9.39 -15.87
CA PRO B 498 27.83 10.58 -16.04
C PRO B 498 29.21 10.49 -15.41
N ILE B 499 29.41 9.58 -14.44
CA ILE B 499 30.76 9.36 -13.92
C ILE B 499 31.60 8.62 -14.94
N LEU B 500 31.03 7.60 -15.56
CA LEU B 500 31.75 6.79 -16.54
C LEU B 500 32.02 7.54 -17.83
N ALA B 501 31.14 8.49 -18.19
CA ALA B 501 31.39 9.31 -19.38
C ALA B 501 32.63 10.20 -19.20
N SER B 502 32.76 10.83 -18.03
CA SER B 502 33.94 11.64 -17.75
C SER B 502 35.19 10.78 -17.56
N MET B 503 35.04 9.60 -16.98
CA MET B 503 36.16 8.69 -16.83
C MET B 503 36.66 8.19 -18.18
N ALA B 504 35.76 7.99 -19.14
CA ALA B 504 36.18 7.61 -20.49
C ALA B 504 36.74 8.79 -21.27
N GLN B 505 36.25 10.01 -21.01
CA GLN B 505 36.83 11.19 -21.62
C GLN B 505 38.22 11.50 -21.07
N ALA B 506 38.53 11.07 -19.86
CA ALA B 506 39.83 11.37 -19.26
C ALA B 506 40.96 10.55 -19.87
N ILE B 507 40.69 9.32 -20.31
CA ILE B 507 41.73 8.45 -20.84
C ILE B 507 41.61 8.28 -22.34
N CYS B 508 40.81 9.13 -23.01
CA CYS B 508 40.54 9.08 -24.45
C CYS B 508 40.02 7.72 -24.90
N LEU B 509 39.10 7.18 -24.12
CA LEU B 509 38.36 5.98 -24.46
C LEU B 509 36.99 6.39 -24.97
N HIS B 510 36.49 5.63 -25.94
CA HIS B 510 35.16 5.88 -26.49
C HIS B 510 34.11 5.62 -25.42
N PRO B 511 33.16 6.54 -25.19
CA PRO B 511 31.96 6.18 -24.43
C PRO B 511 31.16 5.11 -25.18
N LEU B 512 30.25 4.46 -24.44
CA LEU B 512 29.52 3.24 -24.77
C LEU B 512 30.42 2.00 -24.81
N TYR B 513 31.73 2.15 -24.62
CA TYR B 513 32.53 1.00 -24.23
C TYR B 513 32.41 0.76 -22.75
N VAL B 514 32.09 1.81 -21.98
CA VAL B 514 31.82 1.68 -20.56
C VAL B 514 30.37 1.97 -20.20
N MET B 515 29.59 2.57 -21.10
CA MET B 515 28.20 2.90 -20.81
C MET B 515 27.24 1.79 -21.22
N LEU B 516 27.53 1.08 -22.30
CA LEU B 516 26.75 -0.10 -22.68
C LEU B 516 26.89 -1.27 -21.69
N PRO B 517 28.08 -1.64 -21.17
CA PRO B 517 28.09 -2.66 -20.11
C PRO B 517 27.44 -2.21 -18.81
N CYS B 518 27.49 -0.91 -18.49
CA CYS B 518 26.78 -0.42 -17.32
C CYS B 518 25.28 -0.48 -17.49
N THR B 519 24.79 -0.22 -18.70
CA THR B 519 23.35 -0.30 -18.95
C THR B 519 22.88 -1.75 -18.98
N LEU B 520 23.69 -2.65 -19.53
CA LEU B 520 23.29 -4.05 -19.60
C LEU B 520 23.44 -4.77 -18.26
N ALA B 521 24.41 -4.37 -17.44
CA ALA B 521 24.64 -5.06 -16.17
C ALA B 521 23.61 -4.70 -15.10
N THR B 522 22.87 -3.62 -15.28
CA THR B 522 21.80 -3.29 -14.34
C THR B 522 20.64 -4.27 -14.43
N SER B 523 20.48 -4.94 -15.57
CA SER B 523 19.42 -5.93 -15.77
C SER B 523 19.80 -7.32 -15.30
N LEU B 524 21.07 -7.55 -14.96
CA LEU B 524 21.52 -8.85 -14.45
C LEU B 524 21.26 -8.89 -12.94
N ALA B 525 20.00 -9.06 -12.60
CA ALA B 525 19.55 -8.99 -11.21
C ALA B 525 18.81 -10.28 -10.88
N PHE B 526 19.48 -11.21 -10.20
CA PHE B 526 19.00 -12.58 -10.10
C PHE B 526 19.00 -13.18 -8.70
N MET B 527 19.58 -12.52 -7.70
CA MET B 527 19.84 -13.16 -6.41
C MET B 527 18.85 -12.80 -5.33
N LEU B 528 18.39 -11.56 -5.27
CA LEU B 528 17.59 -11.12 -4.13
C LEU B 528 16.16 -10.82 -4.57
N PRO B 529 15.18 -10.91 -3.66
CA PRO B 529 13.78 -10.60 -4.05
C PRO B 529 13.54 -9.14 -4.37
N VAL B 530 14.42 -8.24 -3.96
CA VAL B 530 14.22 -6.81 -4.15
C VAL B 530 15.06 -6.28 -5.29
N ALA B 531 15.66 -7.15 -6.08
CA ALA B 531 16.49 -6.73 -7.20
C ALA B 531 15.64 -6.22 -8.35
N THR B 532 14.60 -6.96 -8.72
CA THR B 532 13.67 -6.63 -9.79
C THR B 532 12.30 -7.02 -9.26
N PRO B 533 11.21 -6.41 -9.73
CA PRO B 533 9.87 -6.88 -9.35
C PRO B 533 9.54 -8.29 -9.84
N PRO B 534 10.04 -8.77 -11.00
CA PRO B 534 9.96 -10.22 -11.26
C PRO B 534 10.60 -11.12 -10.21
N ASN B 535 11.63 -10.64 -9.50
CA ASN B 535 12.26 -11.44 -8.46
C ASN B 535 11.34 -11.62 -7.26
N ALA B 536 10.43 -10.68 -7.02
CA ALA B 536 9.49 -10.78 -5.92
C ALA B 536 8.18 -11.44 -6.30
N ILE B 537 7.78 -11.37 -7.57
CA ILE B 537 6.48 -11.90 -7.99
C ILE B 537 6.44 -13.43 -7.93
N VAL B 538 7.59 -14.09 -8.08
CA VAL B 538 7.59 -15.56 -8.08
C VAL B 538 7.48 -16.19 -6.70
N PHE B 539 7.38 -15.39 -5.64
CA PHE B 539 7.09 -15.93 -4.31
C PHE B 539 5.60 -15.89 -3.99
N SER B 540 4.75 -15.78 -5.01
CA SER B 540 3.32 -15.59 -4.84
C SER B 540 2.59 -16.86 -4.39
N PHE B 541 3.21 -18.02 -4.55
CA PHE B 541 2.54 -19.27 -4.23
C PHE B 541 3.22 -20.08 -3.14
N GLY B 542 4.40 -19.67 -2.68
CA GLY B 542 4.96 -20.19 -1.45
C GLY B 542 5.82 -21.43 -1.56
N ASP B 543 6.11 -21.90 -2.77
CA ASP B 543 6.95 -23.09 -2.91
C ASP B 543 8.43 -22.78 -2.97
N LEU B 544 8.82 -21.54 -3.21
CA LEU B 544 10.22 -21.16 -3.35
C LEU B 544 10.83 -20.74 -2.03
N LYS B 545 12.15 -20.81 -1.97
CA LYS B 545 12.95 -20.23 -0.92
C LYS B 545 13.88 -19.19 -1.53
N VAL B 546 14.29 -18.22 -0.72
CA VAL B 546 15.22 -17.19 -1.19
C VAL B 546 16.61 -17.78 -1.41
N LEU B 547 16.95 -18.84 -0.68
CA LEU B 547 18.24 -19.50 -0.88
C LEU B 547 18.33 -20.21 -2.23
N ASP B 548 17.22 -20.74 -2.75
CA ASP B 548 17.22 -21.30 -4.10
C ASP B 548 17.48 -20.23 -5.14
N MET B 549 16.85 -19.06 -4.99
CA MET B 549 17.04 -17.96 -5.91
C MET B 549 18.46 -17.43 -5.86
N ALA B 550 19.05 -17.33 -4.67
CA ALA B 550 20.42 -16.87 -4.54
C ALA B 550 21.42 -17.87 -5.10
N ARG B 551 21.21 -19.16 -4.83
CA ARG B 551 22.06 -20.23 -5.34
C ARG B 551 22.00 -20.33 -6.87
N ALA B 552 20.83 -20.05 -7.44
CA ALA B 552 20.73 -20.08 -8.90
C ALA B 552 21.27 -18.80 -9.54
N GLY B 553 21.14 -17.65 -8.87
CA GLY B 553 21.54 -16.39 -9.47
C GLY B 553 22.97 -15.99 -9.31
N PHE B 554 23.69 -16.57 -8.35
CA PHE B 554 25.09 -16.22 -8.12
C PHE B 554 25.97 -16.58 -9.31
N LEU B 555 25.70 -17.71 -9.97
CA LEU B 555 26.46 -18.06 -11.16
C LEU B 555 25.93 -17.39 -12.40
N LEU B 556 24.64 -17.09 -12.44
CA LEU B 556 24.04 -16.42 -13.58
C LEU B 556 24.52 -14.98 -13.72
N ASN B 557 24.86 -14.32 -12.61
CA ASN B 557 25.49 -13.00 -12.67
C ASN B 557 26.84 -13.05 -13.38
N ILE B 558 27.67 -14.05 -13.05
CA ILE B 558 28.99 -14.19 -13.67
C ILE B 558 28.86 -14.57 -15.14
N ILE B 559 27.89 -15.44 -15.46
CA ILE B 559 27.65 -15.83 -16.85
C ILE B 559 27.19 -14.62 -17.68
N GLY B 560 26.32 -13.78 -17.11
CA GLY B 560 25.89 -12.59 -17.81
C GLY B 560 26.99 -11.57 -18.01
N VAL B 561 27.87 -11.42 -17.02
CA VAL B 561 29.02 -10.53 -17.15
C VAL B 561 29.96 -11.00 -18.26
N LEU B 562 30.19 -12.32 -18.34
CA LEU B 562 31.01 -12.86 -19.42
C LEU B 562 30.36 -12.75 -20.80
N VAL B 563 29.02 -12.86 -20.87
CA VAL B 563 28.34 -12.68 -22.15
C VAL B 563 28.39 -11.21 -22.60
N ILE B 564 28.28 -10.25 -21.67
CA ILE B 564 28.45 -8.84 -22.00
C ILE B 564 29.88 -8.55 -22.46
N ALA B 565 30.86 -9.17 -21.81
CA ALA B 565 32.25 -8.99 -22.21
C ALA B 565 32.54 -9.61 -23.57
N LEU B 566 31.84 -10.70 -23.92
CA LEU B 566 31.94 -11.21 -25.29
C LEU B 566 31.29 -10.27 -26.29
N ALA B 567 30.15 -9.69 -25.94
CA ALA B 567 29.44 -8.83 -26.88
C ALA B 567 30.11 -7.49 -27.11
N ILE B 568 30.83 -6.96 -26.11
CA ILE B 568 31.42 -5.64 -26.28
C ILE B 568 32.76 -5.70 -27.02
N ASN B 569 33.38 -6.89 -27.10
CA ASN B 569 34.69 -7.03 -27.72
C ASN B 569 34.64 -7.77 -29.05
N SER B 570 33.45 -8.13 -29.51
CA SER B 570 33.25 -8.72 -30.84
C SER B 570 31.82 -8.40 -31.23
N TRP B 571 31.64 -7.95 -32.48
CA TRP B 571 30.40 -7.46 -33.09
C TRP B 571 29.79 -6.25 -32.35
N GLY B 572 30.49 -5.64 -31.42
CA GLY B 572 30.05 -4.39 -30.84
C GLY B 572 31.03 -3.32 -31.24
N ILE B 573 32.28 -3.74 -31.47
CA ILE B 573 33.29 -2.85 -32.04
C ILE B 573 32.96 -2.42 -33.47
N PRO B 574 32.52 -3.29 -34.41
CA PRO B 574 32.18 -2.76 -35.74
C PRO B 574 30.94 -1.89 -35.79
N LEU B 575 29.84 -2.29 -35.14
CA LEU B 575 28.60 -1.54 -35.36
C LEU B 575 28.46 -0.32 -34.48
N PHE B 576 29.46 0.00 -33.65
CA PHE B 576 29.45 1.24 -32.89
C PHE B 576 30.73 2.05 -33.06
N SER B 577 31.73 1.51 -33.75
CA SER B 577 33.06 2.10 -33.94
C SER B 577 33.72 2.43 -32.60
N LEU B 578 33.95 1.38 -31.82
CA LEU B 578 34.46 1.51 -30.46
C LEU B 578 35.97 1.50 -30.39
N HIS B 579 36.66 1.87 -31.46
CA HIS B 579 38.11 1.86 -31.50
C HIS B 579 38.67 3.16 -32.08
N SER B 580 37.91 4.26 -31.99
CA SER B 580 38.26 5.46 -32.73
C SER B 580 38.25 6.75 -31.93
N PHE B 581 37.48 6.86 -30.83
CA PHE B 581 37.22 8.09 -30.07
C PHE B 581 36.74 9.22 -30.97
N PRO B 582 35.45 9.23 -31.30
CA PRO B 582 34.92 10.18 -32.30
C PRO B 582 34.93 11.62 -31.80
N SER B 583 34.61 12.52 -32.72
CA SER B 583 34.74 13.95 -32.46
C SER B 583 33.60 14.53 -31.65
N TRP B 584 32.49 13.81 -31.48
CA TRP B 584 31.41 14.34 -30.67
C TRP B 584 31.62 14.14 -29.17
N ALA B 585 32.68 13.45 -28.78
CA ALA B 585 33.02 13.24 -27.38
C ALA B 585 34.13 14.18 -26.90
N GLN B 586 34.51 15.15 -27.71
CA GLN B 586 35.59 16.06 -27.35
C GLN B 586 35.09 17.17 -26.42
N SER B 587 36.00 17.70 -25.61
CA SER B 587 35.68 18.76 -24.68
C SER B 587 36.92 19.63 -24.53
N ASN B 588 36.93 20.47 -23.49
CA ASN B 588 38.08 21.33 -23.23
C ASN B 588 39.17 20.64 -22.42
N THR B 589 38.90 19.45 -21.88
CA THR B 589 39.86 18.72 -21.08
C THR B 589 40.61 17.64 -21.86
N THR B 590 40.15 17.29 -23.06
CA THR B 590 40.80 16.21 -23.80
C THR B 590 42.11 16.70 -24.44
N ALA B 591 42.01 17.70 -25.31
CA ALA B 591 43.18 18.27 -25.96
C ALA B 591 42.94 19.73 -26.31
NA NA C . -6.16 13.64 18.78
NA NA D . -11.39 15.81 5.94
CAA Y01 E . -13.56 2.31 -14.01
CBA Y01 E . -14.09 1.74 -15.30
CAB Y01 E . -14.48 0.28 -15.11
CAN Y01 E . -15.26 2.56 -15.84
CAJ Y01 E . -15.07 4.05 -15.79
CAO Y01 E . -16.13 4.82 -16.54
CBB Y01 E . -16.29 6.28 -16.13
CAC Y01 E . -16.51 6.39 -14.62
CBE Y01 E . -15.11 7.14 -16.63
CAP Y01 E . -13.87 6.31 -17.05
CAQ Y01 E . -13.26 7.03 -18.26
CBG Y01 E . -13.84 8.43 -18.16
CBI Y01 E . -15.32 8.17 -17.79
CAE Y01 E . -16.09 7.51 -18.94
CAU Y01 E . -15.92 9.50 -17.40
CAS Y01 E . -15.79 10.52 -18.54
CBF Y01 E . -14.33 10.74 -18.98
CBD Y01 E . -13.63 9.41 -19.30
CAK Y01 E . -12.13 9.66 -19.52
CAI Y01 E . -11.86 10.91 -20.29
CAZ Y01 E . -12.76 11.81 -20.64
CAV Y01 E . -12.41 12.96 -21.56
CBH Y01 E . -14.21 11.76 -20.15
CAD Y01 E . -15.12 11.40 -21.34
CAT Y01 E . -14.59 13.17 -19.63
CAR Y01 E . -14.26 14.30 -20.60
CBC Y01 E . -12.80 14.29 -20.96
OAW Y01 E . -12.55 15.32 -21.96
CAY Y01 E . -11.30 15.70 -22.18
OAG Y01 E . -10.95 16.30 -23.17
CAM Y01 E . -10.38 15.34 -21.05
CAL Y01 E . -8.95 15.80 -21.17
CAX Y01 E . -8.75 17.31 -21.21
OAH Y01 E . -9.35 17.96 -22.08
OAF Y01 E . -8.00 17.83 -20.36
C1 CIT F . -6.49 14.78 11.93
O1 CIT F . -5.78 15.44 11.14
O2 CIT F . -7.55 14.22 11.61
C2 CIT F . -6.01 14.65 13.37
C3 CIT F . -4.86 13.66 13.59
O7 CIT F . -3.72 14.11 12.88
C4 CIT F . -4.52 13.61 15.08
C5 CIT F . -3.15 14.17 15.45
O3 CIT F . -2.35 14.38 14.53
O4 CIT F . -2.90 14.38 16.65
C6 CIT F . -5.28 12.25 13.10
O5 CIT F . -6.37 12.14 12.51
O6 CIT F . -4.48 11.31 13.30
CAA Y01 G . 12.21 -3.34 15.45
CBA Y01 G . 12.67 -4.53 16.27
CAB Y01 G . 12.52 -5.81 15.47
CAN Y01 G . 14.11 -4.34 16.78
CAJ Y01 G . 15.12 -3.86 15.77
CAO Y01 G . 16.52 -3.80 16.32
CBB Y01 G . 17.61 -3.41 15.32
CAC Y01 G . 17.43 -4.13 13.99
CBE Y01 G . 17.72 -1.88 15.19
CAP Y01 G . 16.44 -1.12 15.63
CAQ Y01 G . 16.91 0.18 16.30
CBG Y01 G . 18.34 0.34 15.77
CBI Y01 G . 18.89 -1.09 15.86
CAE Y01 G . 19.07 -1.57 17.31
CAU Y01 G . 20.23 -1.10 15.12
CAS Y01 G . 21.20 -0.07 15.70
CBF Y01 G . 20.62 1.36 15.71
CBD Y01 G . 19.23 1.42 16.37
CAK Y01 G . 18.62 2.80 16.16
CAI Y01 G . 19.62 3.91 16.29
CAZ Y01 G . 20.92 3.75 16.43
CAV Y01 G . 21.82 4.93 16.72
CBH Y01 G . 21.61 2.39 16.31
CAD Y01 G . 22.09 1.98 17.71
CAT Y01 G . 22.82 2.55 15.37
CAR Y01 G . 23.73 3.72 15.72
CBC Y01 G . 22.97 5.02 15.74
OAW Y01 G . 23.87 6.08 16.18
CAY Y01 G . 23.49 7.34 15.98
OAG Y01 G . 23.98 8.27 16.57
CAM Y01 G . 22.41 7.47 14.94
CAL Y01 G . 21.94 8.87 14.61
CAX Y01 G . 23.00 9.78 14.02
OAH Y01 G . 24.05 9.97 14.66
OAF Y01 G . 22.77 10.32 12.91
O13 3PH H . -8.59 -9.15 36.25
P 3PH H . -8.25 -9.99 35.04
O14 3PH H . -9.30 -11.05 34.76
O12 3PH H . -6.85 -10.55 35.08
O11 3PH H . -8.30 -9.00 33.79
C1 3PH H . -7.07 -8.44 33.26
C2 3PH H . -7.48 -7.44 32.20
O21 3PH H . -6.48 -7.35 31.15
C21 3PH H . -5.27 -6.86 31.46
O22 3PH H . -4.85 -6.83 32.58
C22 3PH H . -4.54 -6.35 30.25
C23 3PH H . -4.63 -4.87 30.09
C24 3PH H . -4.21 -4.40 28.71
C25 3PH H . -4.79 -3.06 28.33
C26 3PH H . -6.28 -2.98 28.54
C27 3PH H . -6.98 -1.80 27.92
C28 3PH H . -8.45 -1.75 28.23
C29 3PH H . -9.22 -0.58 27.66
C2A 3PH H . -10.65 -0.56 28.12
C2B 3PH H . -11.50 0.58 27.61
C2C 3PH H . -12.81 0.68 28.32
C2D 3PH H . -13.80 1.66 27.74
C2E 3PH H . -14.98 1.93 28.63
C2F 3PH H . -14.61 2.33 30.03
C2G 3PH H . -15.67 3.09 30.78
C2H 3PH H . -15.19 3.73 32.05
C2I 3PH H . -16.14 4.73 32.66
C3 3PH H . -7.73 -6.07 32.75
O31 3PH H . -8.57 -5.32 31.83
C31 3PH H . -9.02 -4.16 32.30
O32 3PH H . -8.52 -3.59 33.22
C32 3PH H . -10.24 -3.69 31.55
C33 3PH H . -10.16 -2.25 31.15
C34 3PH H . -9.95 -1.33 32.34
C35 3PH H . -11.15 -1.16 33.24
C36 3PH H . -12.34 -0.53 32.56
C37 3PH H . -11.97 0.58 31.61
C38 3PH H . -11.18 1.71 32.23
C39 3PH H . -10.42 2.54 31.24
C3A 3PH H . -9.72 3.74 31.81
C3B 3PH H . -8.74 4.41 30.88
C3C 3PH H . -8.51 5.87 31.15
C3D 3PH H . -7.57 6.53 30.17
C3E 3PH H . -6.11 6.31 30.45
C3F 3PH H . -5.65 6.85 31.78
C3G 3PH H . -4.17 6.77 32.03
C3H 3PH H . -3.74 7.33 33.34
C3I 3PH H . -4.08 8.79 33.53
O13 3PH I . -9.67 -25.95 -26.88
P 3PH I . -10.22 -25.13 -25.74
O14 3PH I . -11.47 -24.36 -26.12
O12 3PH I . -10.38 -25.94 -24.48
O11 3PH I . -9.09 -24.03 -25.42
C1 3PH I . -9.45 -22.84 -24.68
C2 3PH I . -8.19 -22.22 -24.12
O21 3PH I . -8.48 -20.92 -23.55
C21 3PH I . -8.97 -19.97 -24.36
O22 3PH I . -9.47 -20.24 -25.42
C22 3PH I . -8.81 -18.58 -23.82
C23 3PH I . -7.41 -18.29 -23.38
C24 3PH I . -7.12 -16.81 -23.27
C25 3PH I . -5.74 -16.52 -22.74
C26 3PH I . -4.66 -17.33 -23.40
C27 3PH I . -3.35 -17.39 -22.65
C28 3PH I . -2.38 -18.41 -23.20
C29 3PH I . -1.04 -18.48 -22.50
C2A 3PH I . -0.16 -19.58 -23.03
C2B 3PH I . 1.22 -19.66 -22.44
C2C 3PH I . 2.03 -20.80 -22.99
C2D 3PH I . 3.43 -20.95 -22.46
C2E 3PH I . 4.21 -22.04 -23.12
C2F 3PH I . 4.08 -22.08 -24.62
C2G 3PH I . 5.14 -22.87 -25.33
C2H 3PH I . 5.11 -22.71 -26.83
C2I 3PH I . 6.31 -23.26 -27.56
C3 3PH I . -7.09 -22.08 -25.14
O31 3PH I . -5.83 -21.99 -24.44
C31 3PH I . -4.77 -21.71 -25.19
O32 3PH I . -4.84 -21.25 -26.29
C32 3PH I . -3.49 -22.12 -24.51
C33 3PH I . -2.29 -21.36 -24.99
C34 3PH I . -2.11 -21.43 -26.49
C35 3PH I . -1.37 -22.66 -26.99
C36 3PH I . -0.03 -22.89 -26.35
C37 3PH I . 0.71 -21.62 -25.99
C38 3PH I . 1.04 -20.74 -27.17
C39 3PH I . 1.47 -19.34 -26.78
C3A 3PH I . 1.95 -18.48 -27.92
C3B 3PH I . 2.12 -17.02 -27.56
C3C 3PH I . 3.07 -16.27 -28.45
C3D 3PH I . 3.32 -14.84 -28.03
C3E 3PH I . 2.23 -13.87 -28.44
C3F 3PH I . 2.07 -13.75 -29.94
C3G 3PH I . 1.09 -12.69 -30.37
C3H 3PH I . 0.95 -12.56 -31.86
C3I 3PH I . 2.23 -12.21 -32.58
NA NA J . 10.36 -5.66 -20.91
NA NA K . 17.81 -3.60 -9.20
C1 CIT L . 9.69 -1.74 -18.78
O1 CIT L . 9.59 -0.64 -18.21
O2 CIT L . 9.46 -1.92 -19.99
C2 CIT L . 10.14 -2.93 -17.95
C3 CIT L . 10.69 -2.58 -16.56
O7 CIT L . 10.52 -1.19 -16.33
C4 CIT L . 12.18 -2.92 -16.52
C5 CIT L . 12.87 -2.64 -15.19
O3 CIT L . 13.12 -1.46 -14.88
O4 CIT L . 13.12 -3.61 -14.45
C6 CIT L . 9.93 -3.39 -15.46
O5 CIT L . 10.62 -4.06 -14.67
O6 CIT L . 8.70 -3.30 -15.44
#